data_7EDV
# 
_entry.id   7EDV 
# 
_audit_conform.dict_name       mmcif_pdbx.dic 
_audit_conform.dict_version    5.407 
_audit_conform.dict_location   http://mmcif.pdb.org/dictionaries/ascii/mmcif_pdbx.dic 
# 
loop_
_database_2.database_id 
_database_2.database_code 
_database_2.pdbx_database_accession 
_database_2.pdbx_DOI 
PDB   7EDV         pdb_00007edv 10.2210/pdb7edv/pdb 
WWPDB D_1300021231 ?            ?                   
# 
loop_
_pdbx_audit_revision_history.ordinal 
_pdbx_audit_revision_history.data_content_type 
_pdbx_audit_revision_history.major_revision 
_pdbx_audit_revision_history.minor_revision 
_pdbx_audit_revision_history.revision_date 
_pdbx_audit_revision_history.part_number 
1 'Structure model' 1 0 2022-03-23 ? 
2 'Structure model' 1 1 2024-05-29 ? 
3 'Structure model' 1 2 2025-11-26 ? 
# 
_pdbx_audit_revision_details.ordinal             1 
_pdbx_audit_revision_details.revision_ordinal    1 
_pdbx_audit_revision_details.data_content_type   'Structure model' 
_pdbx_audit_revision_details.provider            repository 
_pdbx_audit_revision_details.type                'Initial release' 
_pdbx_audit_revision_details.description         ? 
_pdbx_audit_revision_details.details             ? 
# 
loop_
_pdbx_audit_revision_group.ordinal 
_pdbx_audit_revision_group.revision_ordinal 
_pdbx_audit_revision_group.data_content_type 
_pdbx_audit_revision_group.group 
1 2 'Structure model' 'Data collection'     
2 3 'Structure model' 'Database references' 
3 3 'Structure model' 'Structure summary'   
# 
loop_
_pdbx_audit_revision_category.ordinal 
_pdbx_audit_revision_category.revision_ordinal 
_pdbx_audit_revision_category.data_content_type 
_pdbx_audit_revision_category.category 
1 2 'Structure model' chem_comp_atom     
2 2 'Structure model' chem_comp_bond     
3 3 'Structure model' citation           
4 3 'Structure model' citation_author    
5 3 'Structure model' pdbx_entry_details 
# 
loop_
_pdbx_audit_revision_item.ordinal 
_pdbx_audit_revision_item.revision_ordinal 
_pdbx_audit_revision_item.data_content_type 
_pdbx_audit_revision_item.item 
1 3 'Structure model' '_citation.country'                            
2 3 'Structure model' '_citation.journal_abbrev'                     
3 3 'Structure model' '_citation.journal_id_CSD'                     
4 3 'Structure model' '_citation.journal_id_ISSN'                    
5 3 'Structure model' '_citation.journal_volume'                     
6 3 'Structure model' '_citation.pdbx_database_id_DOI'               
7 3 'Structure model' '_citation.title'                              
8 3 'Structure model' '_citation.year'                               
9 3 'Structure model' '_pdbx_entry_details.has_protein_modification' 
# 
_pdbx_database_status.status_code                     REL 
_pdbx_database_status.status_code_sf                  REL 
_pdbx_database_status.status_code_mr                  ? 
_pdbx_database_status.entry_id                        7EDV 
_pdbx_database_status.recvd_initial_deposition_date   2021-03-17 
_pdbx_database_status.SG_entry                        N 
_pdbx_database_status.deposit_site                    PDBJ 
_pdbx_database_status.process_site                    PDBJ 
_pdbx_database_status.status_code_cs                  ? 
_pdbx_database_status.status_code_nmr_data            ? 
_pdbx_database_status.methods_development_category    ? 
_pdbx_database_status.pdb_format_compatible           Y 
# 
loop_
_audit_author.name 
_audit_author.pdbx_ordinal 
_audit_author.identifier_ORCID 
'Kondo, J.' 1 0000-0002-5682-3685 
'Iwase, E.' 2 ?                   
# 
_citation.abstract                  ? 
_citation.abstract_id_CAS           ? 
_citation.book_id_ISBN              ? 
_citation.book_publisher            ? 
_citation.book_publisher_city       ? 
_citation.book_title                ? 
_citation.coordinate_linkage        ? 
_citation.country                   GE 
_citation.database_id_Medline       ? 
_citation.details                   ? 
_citation.id                        primary 
_citation.journal_abbrev            Chembiochem 
_citation.journal_id_ASTM           ? 
_citation.journal_id_CSD            ? 
_citation.journal_id_ISSN           1439-7633 
_citation.journal_full              ? 
_citation.journal_issue             ? 
_citation.journal_volume            26 
_citation.language                  ? 
_citation.page_first                ? 
_citation.page_last                 ? 
_citation.title                     
;Gold-Mediated Base Pairs in Nucleic Acids: Selective Coordination to Natural and Thiocarbonyl-Modified Cytosines Dependent upon the Oxidation State of Gold
;
_citation.year                      2025 
_citation.database_id_CSD           ? 
_citation.pdbx_database_id_DOI      10.1002/cbic.202500565 
_citation.pdbx_database_id_PubMed   ? 
_citation.pdbx_database_id_patent   ? 
_citation.unpublished_flag          ? 
# 
loop_
_citation_author.citation_id 
_citation_author.name 
_citation_author.ordinal 
_citation_author.identifier_ORCID 
primary 'Kosugi, K.'   1 ? 
primary 'Sugawara, A.' 2 ? 
primary 'Iwase, E.'    3 ? 
primary 'Park, H.'     4 ? 
primary 'Fujiwara, S.' 5 ? 
primary 'Kanazawa, H.' 6 ? 
primary 'Ono, A.'      7 ? 
primary 'Kondo, J.'    8 ? 
# 
loop_
_entity.id 
_entity.type 
_entity.src_method 
_entity.pdbx_description 
_entity.formula_weight 
_entity.pdbx_number_of_molecules 
_entity.pdbx_ec 
_entity.pdbx_mutation 
_entity.pdbx_fragment 
_entity.details 
1 polymer     syn 
;DNA (5'-D(*GP*GP*AP*CP*CP*CP*CP*GP*GP*TP*CP*C)-3')
;
3624.356 1  ? ? ? ? 
2 non-polymer syn 'GOLD ION'                                           196.967  1  ? ? ? ? 
3 water       nat water                                                18.015   37 ? ? ? ? 
# 
_entity_poly.entity_id                      1 
_entity_poly.type                           polydeoxyribonucleotide 
_entity_poly.nstd_linkage                   no 
_entity_poly.nstd_monomer                   no 
_entity_poly.pdbx_seq_one_letter_code       '(DG)(DG)(DA)(DC)(DC)(DC)(DC)(DG)(DG)(DT)(DC)(DC)' 
_entity_poly.pdbx_seq_one_letter_code_can   GGACCCCGGTCC 
_entity_poly.pdbx_strand_id                 A 
_entity_poly.pdbx_target_identifier         ? 
# 
loop_
_pdbx_entity_nonpoly.entity_id 
_pdbx_entity_nonpoly.name 
_pdbx_entity_nonpoly.comp_id 
2 'GOLD ION' AU  
3 water      HOH 
# 
loop_
_entity_poly_seq.entity_id 
_entity_poly_seq.num 
_entity_poly_seq.mon_id 
_entity_poly_seq.hetero 
1 1  DG n 
1 2  DG n 
1 3  DA n 
1 4  DC n 
1 5  DC n 
1 6  DC n 
1 7  DC n 
1 8  DG n 
1 9  DG n 
1 10 DT n 
1 11 DC n 
1 12 DC n 
# 
_pdbx_entity_src_syn.entity_id              1 
_pdbx_entity_src_syn.pdbx_src_id            1 
_pdbx_entity_src_syn.pdbx_alt_source_flag   sample 
_pdbx_entity_src_syn.pdbx_beg_seq_num       1 
_pdbx_entity_src_syn.pdbx_end_seq_num       12 
_pdbx_entity_src_syn.organism_scientific    'synthetic construct' 
_pdbx_entity_src_syn.organism_common_name   ? 
_pdbx_entity_src_syn.ncbi_taxonomy_id       32630 
_pdbx_entity_src_syn.details                ? 
# 
loop_
_chem_comp.id 
_chem_comp.type 
_chem_comp.mon_nstd_flag 
_chem_comp.name 
_chem_comp.pdbx_synonyms 
_chem_comp.formula 
_chem_comp.formula_weight 
AU  non-polymer   . 'GOLD ION'                           ? 'Au 1'            196.967 
DA  'DNA linking' y "2'-DEOXYADENOSINE-5'-MONOPHOSPHATE" ? 'C10 H14 N5 O6 P' 331.222 
DC  'DNA linking' y "2'-DEOXYCYTIDINE-5'-MONOPHOSPHATE"  ? 'C9 H14 N3 O7 P'  307.197 
DG  'DNA linking' y "2'-DEOXYGUANOSINE-5'-MONOPHOSPHATE" ? 'C10 H14 N5 O7 P' 347.221 
DT  'DNA linking' y "THYMIDINE-5'-MONOPHOSPHATE"         ? 'C10 H15 N2 O8 P' 322.208 
HOH non-polymer   . WATER                                ? 'H2 O'            18.015  
# 
loop_
_pdbx_poly_seq_scheme.asym_id 
_pdbx_poly_seq_scheme.entity_id 
_pdbx_poly_seq_scheme.seq_id 
_pdbx_poly_seq_scheme.mon_id 
_pdbx_poly_seq_scheme.ndb_seq_num 
_pdbx_poly_seq_scheme.pdb_seq_num 
_pdbx_poly_seq_scheme.auth_seq_num 
_pdbx_poly_seq_scheme.pdb_mon_id 
_pdbx_poly_seq_scheme.auth_mon_id 
_pdbx_poly_seq_scheme.pdb_strand_id 
_pdbx_poly_seq_scheme.pdb_ins_code 
_pdbx_poly_seq_scheme.hetero 
A 1 1  DG 1  1  1  DG DG A . n 
A 1 2  DG 2  2  2  DG DG A . n 
A 1 3  DA 3  3  3  DA DA A . n 
A 1 4  DC 4  4  4  DC DC A . n 
A 1 5  DC 5  5  5  DC DC A . n 
A 1 6  DC 6  6  6  DC DC A . n 
A 1 7  DC 7  7  7  DC DC A . n 
A 1 8  DG 8  8  8  DG DG A . n 
A 1 9  DG 9  9  9  DG DG A . n 
A 1 10 DT 10 10 10 DT DT A . n 
A 1 11 DC 11 11 11 DC DC A . n 
A 1 12 DC 12 12 12 DC DC A . n 
# 
_pdbx_entity_instance_feature.ordinal        1 
_pdbx_entity_instance_feature.comp_id        AU 
_pdbx_entity_instance_feature.asym_id        ? 
_pdbx_entity_instance_feature.seq_num        ? 
_pdbx_entity_instance_feature.auth_comp_id   AU 
_pdbx_entity_instance_feature.auth_asym_id   ? 
_pdbx_entity_instance_feature.auth_seq_num   ? 
_pdbx_entity_instance_feature.feature_type   'SUBJECT OF INVESTIGATION' 
_pdbx_entity_instance_feature.details        ? 
# 
loop_
_pdbx_nonpoly_scheme.asym_id 
_pdbx_nonpoly_scheme.entity_id 
_pdbx_nonpoly_scheme.mon_id 
_pdbx_nonpoly_scheme.ndb_seq_num 
_pdbx_nonpoly_scheme.pdb_seq_num 
_pdbx_nonpoly_scheme.auth_seq_num 
_pdbx_nonpoly_scheme.pdb_mon_id 
_pdbx_nonpoly_scheme.auth_mon_id 
_pdbx_nonpoly_scheme.pdb_strand_id 
_pdbx_nonpoly_scheme.pdb_ins_code 
B 2 AU  1  101 1  AU  AU  A . 
C 3 HOH 1  201 9  HOH HOH A . 
C 3 HOH 2  202 7  HOH HOH A . 
C 3 HOH 3  203 13 HOH HOH A . 
C 3 HOH 4  204 33 HOH HOH A . 
C 3 HOH 5  205 29 HOH HOH A . 
C 3 HOH 6  206 22 HOH HOH A . 
C 3 HOH 7  207 17 HOH HOH A . 
C 3 HOH 8  208 16 HOH HOH A . 
C 3 HOH 9  209 10 HOH HOH A . 
C 3 HOH 10 210 27 HOH HOH A . 
C 3 HOH 11 211 3  HOH HOH A . 
C 3 HOH 12 212 4  HOH HOH A . 
C 3 HOH 13 213 25 HOH HOH A . 
C 3 HOH 14 214 20 HOH HOH A . 
C 3 HOH 15 215 11 HOH HOH A . 
C 3 HOH 16 216 5  HOH HOH A . 
C 3 HOH 17 217 1  HOH HOH A . 
C 3 HOH 18 218 26 HOH HOH A . 
C 3 HOH 19 219 28 HOH HOH A . 
C 3 HOH 20 220 30 HOH HOH A . 
C 3 HOH 21 221 8  HOH HOH A . 
C 3 HOH 22 222 15 HOH HOH A . 
C 3 HOH 23 223 14 HOH HOH A . 
C 3 HOH 24 224 21 HOH HOH A . 
C 3 HOH 25 225 12 HOH HOH A . 
C 3 HOH 26 226 6  HOH HOH A . 
C 3 HOH 27 227 36 HOH HOH A . 
C 3 HOH 28 228 18 HOH HOH A . 
C 3 HOH 29 229 32 HOH HOH A . 
C 3 HOH 30 230 35 HOH HOH A . 
C 3 HOH 31 231 2  HOH HOH A . 
C 3 HOH 32 232 31 HOH HOH A . 
C 3 HOH 33 233 24 HOH HOH A . 
C 3 HOH 34 234 19 HOH HOH A . 
C 3 HOH 35 235 23 HOH HOH A . 
C 3 HOH 36 236 37 HOH HOH A . 
C 3 HOH 37 237 38 HOH HOH A . 
# 
loop_
_software.citation_id 
_software.classification 
_software.compiler_name 
_software.compiler_version 
_software.contact_author 
_software.contact_author_email 
_software.date 
_software.description 
_software.dependencies 
_software.hardware 
_software.language 
_software.location 
_software.mods 
_software.name 
_software.os 
_software.os_version 
_software.type 
_software.version 
_software.pdbx_ordinal 
? 'data scaling'   ? ? ? ? ? ? ? ? ? ? ? XSCALE  ? ? ? .      1 
? refinement       ? ? ? ? ? ? ? ? ? ? ? PHENIX  ? ? ? 1.17.1 2 
? 'data reduction' ? ? ? ? ? ? ? ? ? ? ? XDS     ? ? ? .      3 
? phasing          ? ? ? ? ? ? ? ? ? ? ? AutoSol ? ? ? .      4 
# 
_cell.angle_alpha                  90.000 
_cell.angle_alpha_esd              ? 
_cell.angle_beta                   90.000 
_cell.angle_beta_esd               ? 
_cell.angle_gamma                  120.000 
_cell.angle_gamma_esd              ? 
_cell.entry_id                     7EDV 
_cell.details                      ? 
_cell.formula_units_Z              ? 
_cell.length_a                     38.595 
_cell.length_a_esd                 ? 
_cell.length_b                     38.595 
_cell.length_b_esd                 ? 
_cell.length_c                     46.688 
_cell.length_c_esd                 ? 
_cell.volume                       ? 
_cell.volume_esd                   ? 
_cell.Z_PDB                        6 
_cell.reciprocal_angle_alpha       ? 
_cell.reciprocal_angle_beta        ? 
_cell.reciprocal_angle_gamma       ? 
_cell.reciprocal_angle_alpha_esd   ? 
_cell.reciprocal_angle_beta_esd    ? 
_cell.reciprocal_angle_gamma_esd   ? 
_cell.reciprocal_length_a          ? 
_cell.reciprocal_length_b          ? 
_cell.reciprocal_length_c          ? 
_cell.reciprocal_length_a_esd      ? 
_cell.reciprocal_length_b_esd      ? 
_cell.reciprocal_length_c_esd      ? 
_cell.pdbx_unique_axis             ? 
# 
_symmetry.entry_id                         7EDV 
_symmetry.cell_setting                     ? 
_symmetry.Int_Tables_number                152 
_symmetry.space_group_name_Hall            ? 
_symmetry.space_group_name_H-M             'P 31 2 1' 
_symmetry.pdbx_full_space_group_name_H-M   ? 
# 
_exptl.absorpt_coefficient_mu     ? 
_exptl.absorpt_correction_T_max   ? 
_exptl.absorpt_correction_T_min   ? 
_exptl.absorpt_correction_type    ? 
_exptl.absorpt_process_details    ? 
_exptl.entry_id                   7EDV 
_exptl.crystals_number            1 
_exptl.details                    ? 
_exptl.method                     'X-RAY DIFFRACTION' 
_exptl.method_details             ? 
# 
_exptl_crystal.colour                      ? 
_exptl_crystal.density_diffrn              ? 
_exptl_crystal.density_Matthews            2.77 
_exptl_crystal.density_method              ? 
_exptl_crystal.density_percent_sol         55.59 
_exptl_crystal.description                 'THE ENTRY CONTAINS FRIEDEL PAIRS IN F_PLUS/MINUS COLUMNS.' 
_exptl_crystal.F_000                       ? 
_exptl_crystal.id                          1 
_exptl_crystal.preparation                 ? 
_exptl_crystal.size_max                    ? 
_exptl_crystal.size_mid                    ? 
_exptl_crystal.size_min                    ? 
_exptl_crystal.size_rad                    ? 
_exptl_crystal.colour_lustre               ? 
_exptl_crystal.colour_modifier             ? 
_exptl_crystal.colour_primary              ? 
_exptl_crystal.density_meas                ? 
_exptl_crystal.density_meas_esd            ? 
_exptl_crystal.density_meas_gt             ? 
_exptl_crystal.density_meas_lt             ? 
_exptl_crystal.density_meas_temp           ? 
_exptl_crystal.density_meas_temp_esd       ? 
_exptl_crystal.density_meas_temp_gt        ? 
_exptl_crystal.density_meas_temp_lt        ? 
_exptl_crystal.pdbx_crystal_image_url      ? 
_exptl_crystal.pdbx_crystal_image_format   ? 
_exptl_crystal.pdbx_mosaicity              ? 
_exptl_crystal.pdbx_mosaicity_esd          ? 
# 
_exptl_crystal_grow.apparatus       ? 
_exptl_crystal_grow.atmosphere      ? 
_exptl_crystal_grow.crystal_id      1 
_exptl_crystal_grow.details         ? 
_exptl_crystal_grow.method          'VAPOR DIFFUSION, HANGING DROP' 
_exptl_crystal_grow.method_ref      ? 
_exptl_crystal_grow.pH              ? 
_exptl_crystal_grow.pressure        ? 
_exptl_crystal_grow.pressure_esd    ? 
_exptl_crystal_grow.seeding         ? 
_exptl_crystal_grow.seeding_ref     ? 
_exptl_crystal_grow.temp            293 
_exptl_crystal_grow.temp_details    ? 
_exptl_crystal_grow.temp_esd        ? 
_exptl_crystal_grow.time            ? 
_exptl_crystal_grow.pdbx_details    'sodium cacodylate, MPD, spermine tetrahydrochloride, lithium chloride' 
_exptl_crystal_grow.pdbx_pH_range   ? 
# 
_diffrn.ambient_environment              ? 
_diffrn.ambient_temp                     100 
_diffrn.ambient_temp_details             ? 
_diffrn.ambient_temp_esd                 ? 
_diffrn.crystal_id                       1 
_diffrn.crystal_support                  ? 
_diffrn.crystal_treatment                ? 
_diffrn.details                          ? 
_diffrn.id                               1 
_diffrn.ambient_pressure                 ? 
_diffrn.ambient_pressure_esd             ? 
_diffrn.ambient_pressure_gt              ? 
_diffrn.ambient_pressure_lt              ? 
_diffrn.ambient_temp_gt                  ? 
_diffrn.ambient_temp_lt                  ? 
_diffrn.pdbx_serial_crystal_experiment   N 
# 
_diffrn_detector.details                      ? 
_diffrn_detector.detector                     PIXEL 
_diffrn_detector.diffrn_id                    1 
_diffrn_detector.type                         'DECTRIS PILATUS3 6M' 
_diffrn_detector.area_resol_mean              ? 
_diffrn_detector.dtime                        ? 
_diffrn_detector.pdbx_frames_total            ? 
_diffrn_detector.pdbx_collection_time_total   ? 
_diffrn_detector.pdbx_collection_date         2017-12-03 
_diffrn_detector.pdbx_frequency               ? 
# 
_diffrn_radiation.collimation                      ? 
_diffrn_radiation.diffrn_id                        1 
_diffrn_radiation.filter_edge                      ? 
_diffrn_radiation.inhomogeneity                    ? 
_diffrn_radiation.monochromator                    ? 
_diffrn_radiation.polarisn_norm                    ? 
_diffrn_radiation.polarisn_ratio                   ? 
_diffrn_radiation.probe                            ? 
_diffrn_radiation.type                             ? 
_diffrn_radiation.xray_symbol                      ? 
_diffrn_radiation.wavelength_id                    1 
_diffrn_radiation.pdbx_monochromatic_or_laue_m_l   M 
_diffrn_radiation.pdbx_wavelength_list             ? 
_diffrn_radiation.pdbx_wavelength                  ? 
_diffrn_radiation.pdbx_diffrn_protocol             'SINGLE WAVELENGTH' 
_diffrn_radiation.pdbx_analyzer                    ? 
_diffrn_radiation.pdbx_scattering_type             x-ray 
# 
_diffrn_radiation_wavelength.id           1 
_diffrn_radiation_wavelength.wavelength   0.98 
_diffrn_radiation_wavelength.wt           1.0 
# 
_diffrn_source.current                     ? 
_diffrn_source.details                     ? 
_diffrn_source.diffrn_id                   1 
_diffrn_source.power                       ? 
_diffrn_source.size                        ? 
_diffrn_source.source                      SYNCHROTRON 
_diffrn_source.target                      ? 
_diffrn_source.type                        'PHOTON FACTORY BEAMLINE BL-17A' 
_diffrn_source.voltage                     ? 
_diffrn_source.take-off_angle              ? 
_diffrn_source.pdbx_wavelength_list        0.98 
_diffrn_source.pdbx_wavelength             ? 
_diffrn_source.pdbx_synchrotron_beamline   BL-17A 
_diffrn_source.pdbx_synchrotron_site       'Photon Factory' 
# 
_reflns.B_iso_Wilson_estimate            36.998 
_reflns.entry_id                         7EDV 
_reflns.data_reduction_details           ? 
_reflns.data_reduction_method            ? 
_reflns.d_resolution_high                2.010 
_reflns.d_resolution_low                 27.180 
_reflns.details                          ? 
_reflns.limit_h_max                      ? 
_reflns.limit_h_min                      ? 
_reflns.limit_k_max                      ? 
_reflns.limit_k_min                      ? 
_reflns.limit_l_max                      ? 
_reflns.limit_l_min                      ? 
_reflns.number_all                       ? 
_reflns.number_obs                       5183 
_reflns.observed_criterion               ? 
_reflns.observed_criterion_F_max         ? 
_reflns.observed_criterion_F_min         ? 
_reflns.observed_criterion_I_max         ? 
_reflns.observed_criterion_I_min         ? 
_reflns.observed_criterion_sigma_F       ? 
_reflns.observed_criterion_sigma_I       ? 
_reflns.percent_possible_obs             100.000 
_reflns.R_free_details                   ? 
_reflns.Rmerge_F_all                     ? 
_reflns.Rmerge_F_obs                     ? 
_reflns.Friedel_coverage                 ? 
_reflns.number_gt                        ? 
_reflns.threshold_expression             ? 
_reflns.pdbx_redundancy                  10.203 
_reflns.pdbx_Rmerge_I_obs                0.054 
_reflns.pdbx_Rmerge_I_all                ? 
_reflns.pdbx_Rsym_value                  ? 
_reflns.pdbx_netI_over_av_sigmaI         ? 
_reflns.pdbx_netI_over_sigmaI            27.740 
_reflns.pdbx_res_netI_over_av_sigmaI_2   ? 
_reflns.pdbx_res_netI_over_sigmaI_2      ? 
_reflns.pdbx_chi_squared                 2.227 
_reflns.pdbx_scaling_rejects             ? 
_reflns.pdbx_d_res_high_opt              ? 
_reflns.pdbx_d_res_low_opt               ? 
_reflns.pdbx_d_res_opt_method            ? 
_reflns.phase_calculation_details        ? 
_reflns.pdbx_Rrim_I_all                  0.057 
_reflns.pdbx_Rpim_I_all                  ? 
_reflns.pdbx_d_opt                       ? 
_reflns.pdbx_number_measured_all         52884 
_reflns.pdbx_diffrn_id                   1 
_reflns.pdbx_ordinal                     1 
_reflns.pdbx_CC_half                     0.999 
_reflns.pdbx_CC_star                     ? 
_reflns.pdbx_R_split                     ? 
# 
loop_
_reflns_shell.d_res_high 
_reflns_shell.d_res_low 
_reflns_shell.meanI_over_sigI_all 
_reflns_shell.meanI_over_sigI_obs 
_reflns_shell.number_measured_all 
_reflns_shell.number_measured_obs 
_reflns_shell.number_possible 
_reflns_shell.number_unique_all 
_reflns_shell.number_unique_obs 
_reflns_shell.percent_possible_all 
_reflns_shell.percent_possible_obs 
_reflns_shell.Rmerge_F_all 
_reflns_shell.Rmerge_F_obs 
_reflns_shell.Rmerge_I_all 
_reflns_shell.Rmerge_I_obs 
_reflns_shell.meanI_over_sigI_gt 
_reflns_shell.meanI_over_uI_all 
_reflns_shell.meanI_over_uI_gt 
_reflns_shell.number_measured_gt 
_reflns_shell.number_unique_gt 
_reflns_shell.percent_possible_gt 
_reflns_shell.Rmerge_F_gt 
_reflns_shell.Rmerge_I_gt 
_reflns_shell.pdbx_redundancy 
_reflns_shell.pdbx_Rsym_value 
_reflns_shell.pdbx_chi_squared 
_reflns_shell.pdbx_netI_over_sigmaI_all 
_reflns_shell.pdbx_netI_over_sigmaI_obs 
_reflns_shell.pdbx_Rrim_I_all 
_reflns_shell.pdbx_Rpim_I_all 
_reflns_shell.pdbx_rejects 
_reflns_shell.pdbx_ordinal 
_reflns_shell.pdbx_diffrn_id 
_reflns_shell.pdbx_CC_half 
_reflns_shell.pdbx_CC_star 
_reflns_shell.pdbx_R_split 
2.010 2.060  ? 9.100  ? ? ? ? 354 100.00  ? ? ? ? 0.290 ? ? ? ? ? ? ? ? 10.155 ? ? ? ? 0.306 ? ? 1  1 0.980 ? ? 
2.060 2.120  ? 10.970 ? ? ? ? 377 100.000 ? ? ? ? 0.250 ? ? ? ? ? ? ? ? 10.106 ? ? ? ? 0.264 ? ? 2  1 0.980 ? ? 
2.120 2.180  ? 13.750 ? ? ? ? 374 100.000 ? ? ? ? 0.184 ? ? ? ? ? ? ? ? 10.444 ? ? ? ? 0.193 ? ? 3  1 0.990 ? ? 
2.180 2.250  ? 15.330 ? ? ? ? 370 100.000 ? ? ? ? 0.147 ? ? ? ? ? ? ? ? 10.430 ? ? ? ? 0.154 ? ? 4  1 0.995 ? ? 
2.250 2.320  ? 17.060 ? ? ? ? 336 100.000 ? ? ? ? 0.129 ? ? ? ? ? ? ? ? 9.571  ? ? ? ? 0.136 ? ? 5  1 0.994 ? ? 
2.320 2.400  ? 20.280 ? ? ? ? 337 100.000 ? ? ? ? 0.101 ? ? ? ? ? ? ? ? 10.086 ? ? ? ? 0.106 ? ? 6  1 0.996 ? ? 
2.400 2.490  ? 24.460 ? ? ? ? 306 100.000 ? ? ? ? 0.083 ? ? ? ? ? ? ? ? 10.699 ? ? ? ? 0.088 ? ? 7  1 0.998 ? ? 
2.490 2.590  ? 29.100 ? ? ? ? 307 100.000 ? ? ? ? 0.073 ? ? ? ? ? ? ? ? 11.055 ? ? ? ? 0.076 ? ? 8  1 0.997 ? ? 
2.590 2.710  ? 30.220 ? ? ? ? 293 100.000 ? ? ? ? 0.072 ? ? ? ? ? ? ? ? 10.799 ? ? ? ? 0.076 ? ? 9  1 0.998 ? ? 
2.710 2.840  ? 31.420 ? ? ? ? 281 100.000 ? ? ? ? 0.064 ? ? ? ? ? ? ? ? 10.779 ? ? ? ? 0.067 ? ? 10 1 0.998 ? ? 
2.840 2.990  ? 37.300 ? ? ? ? 280 100.000 ? ? ? ? 0.060 ? ? ? ? ? ? ? ? 10.529 ? ? ? ? 0.063 ? ? 11 1 0.998 ? ? 
2.990 3.180  ? 38.220 ? ? ? ? 264 100.000 ? ? ? ? 0.048 ? ? ? ? ? ? ? ? 10.057 ? ? ? ? 0.050 ? ? 12 1 0.999 ? ? 
3.180 3.390  ? 40.880 ? ? ? ? 229 100.000 ? ? ? ? 0.046 ? ? ? ? ? ? ? ? 9.057  ? ? ? ? 0.049 ? ? 13 1 0.999 ? ? 
3.390 3.670  ? 42.420 ? ? ? ? 210 100.000 ? ? ? ? 0.049 ? ? ? ? ? ? ? ? 9.238  ? ? ? ? 0.051 ? ? 14 1 0.999 ? ? 
3.670 4.020  ? 45.460 ? ? ? ? 210 100.000 ? ? ? ? 0.047 ? ? ? ? ? ? ? ? 10.105 ? ? ? ? 0.049 ? ? 15 1 0.999 ? ? 
4.020 4.490  ? 47.730 ? ? ? ? 189 100.000 ? ? ? ? 0.042 ? ? ? ? ? ? ? ? 10.550 ? ? ? ? 0.044 ? ? 16 1 0.998 ? ? 
4.490 5.190  ? 44.960 ? ? ? ? 161 100.000 ? ? ? ? 0.045 ? ? ? ? ? ? ? ? 9.497  ? ? ? ? 0.047 ? ? 17 1 0.999 ? ? 
5.190 6.350  ? 45.440 ? ? ? ? 140 100.000 ? ? ? ? 0.043 ? ? ? ? ? ? ? ? 9.236  ? ? ? ? 0.045 ? ? 18 1 0.999 ? ? 
6.350 8.980  ? 46.950 ? ? ? ? 105 100.000 ? ? ? ? 0.047 ? ? ? ? ? ? ? ? 9.829  ? ? ? ? 0.050 ? ? 19 1 0.999 ? ? 
8.980 27.180 ? 50.920 ? ? ? ? 60  96.800  ? ? ? ? 0.033 ? ? ? ? ? ? ? ? 10.850 ? ? ? ? 0.035 ? ? 20 1 1.000 ? ? 
# 
_refine.aniso_B[1][1]                            ? 
_refine.aniso_B[1][2]                            ? 
_refine.aniso_B[1][3]                            ? 
_refine.aniso_B[2][2]                            ? 
_refine.aniso_B[2][3]                            ? 
_refine.aniso_B[3][3]                            ? 
_refine.B_iso_max                                49.790 
_refine.B_iso_mean                               27.4125 
_refine.B_iso_min                                18.360 
_refine.correlation_coeff_Fo_to_Fc               ? 
_refine.correlation_coeff_Fo_to_Fc_free          ? 
_refine.details                                  ? 
_refine.diff_density_max                         ? 
_refine.diff_density_max_esd                     ? 
_refine.diff_density_min                         ? 
_refine.diff_density_min_esd                     ? 
_refine.diff_density_rms                         ? 
_refine.diff_density_rms_esd                     ? 
_refine.entry_id                                 7EDV 
_refine.pdbx_refine_id                           'X-RAY DIFFRACTION' 
_refine.ls_abs_structure_details                 ? 
_refine.ls_abs_structure_Flack                   ? 
_refine.ls_abs_structure_Flack_esd               ? 
_refine.ls_abs_structure_Rogers                  ? 
_refine.ls_abs_structure_Rogers_esd              ? 
_refine.ls_d_res_high                            2.0100 
_refine.ls_d_res_low                             27.1800 
_refine.ls_extinction_coef                       ? 
_refine.ls_extinction_coef_esd                   ? 
_refine.ls_extinction_expression                 ? 
_refine.ls_extinction_method                     ? 
_refine.ls_goodness_of_fit_all                   ? 
_refine.ls_goodness_of_fit_all_esd               ? 
_refine.ls_goodness_of_fit_obs                   ? 
_refine.ls_goodness_of_fit_obs_esd               ? 
_refine.ls_hydrogen_treatment                    ? 
_refine.ls_matrix_type                           ? 
_refine.ls_number_constraints                    ? 
_refine.ls_number_parameters                     ? 
_refine.ls_number_reflns_all                     ? 
_refine.ls_number_reflns_obs                     5183 
_refine.ls_number_reflns_R_free                  538 
_refine.ls_number_reflns_R_work                  4645 
_refine.ls_number_restraints                     ? 
_refine.ls_percent_reflns_obs                    99.8300 
_refine.ls_percent_reflns_R_free                 10.3800 
_refine.ls_R_factor_all                          ? 
_refine.ls_R_factor_obs                          0.1672 
_refine.ls_R_factor_R_free                       0.1910 
_refine.ls_R_factor_R_free_error                 ? 
_refine.ls_R_factor_R_free_error_details         ? 
_refine.ls_R_factor_R_work                       0.1644 
_refine.ls_R_Fsqd_factor_obs                     ? 
_refine.ls_R_I_factor_obs                        ? 
_refine.ls_redundancy_reflns_all                 ? 
_refine.ls_redundancy_reflns_obs                 ? 
_refine.ls_restrained_S_all                      ? 
_refine.ls_restrained_S_obs                      ? 
_refine.ls_shift_over_esd_max                    ? 
_refine.ls_shift_over_esd_mean                   ? 
_refine.ls_structure_factor_coef                 ? 
_refine.ls_weighting_details                     ? 
_refine.ls_weighting_scheme                      ? 
_refine.ls_wR_factor_all                         ? 
_refine.ls_wR_factor_obs                         ? 
_refine.ls_wR_factor_R_free                      ? 
_refine.ls_wR_factor_R_work                      ? 
_refine.occupancy_max                            ? 
_refine.occupancy_min                            ? 
_refine.solvent_model_details                    'FLAT BULK SOLVENT MODEL' 
_refine.solvent_model_param_bsol                 ? 
_refine.solvent_model_param_ksol                 ? 
_refine.pdbx_R_complete                          ? 
_refine.ls_R_factor_gt                           ? 
_refine.ls_goodness_of_fit_gt                    ? 
_refine.ls_goodness_of_fit_ref                   ? 
_refine.ls_shift_over_su_max                     ? 
_refine.ls_shift_over_su_max_lt                  ? 
_refine.ls_shift_over_su_mean                    ? 
_refine.ls_shift_over_su_mean_lt                 ? 
_refine.pdbx_ls_sigma_I                          ? 
_refine.pdbx_ls_sigma_F                          1.450 
_refine.pdbx_ls_sigma_Fsqd                       ? 
_refine.pdbx_data_cutoff_high_absF               ? 
_refine.pdbx_data_cutoff_high_rms_absF           ? 
_refine.pdbx_data_cutoff_low_absF                ? 
_refine.pdbx_isotropic_thermal_model             ? 
_refine.pdbx_ls_cross_valid_method               THROUGHOUT 
_refine.pdbx_method_to_determine_struct          SAD 
_refine.pdbx_starting_model                      ? 
_refine.pdbx_stereochemistry_target_values       ML 
_refine.pdbx_R_Free_selection_details            ? 
_refine.pdbx_stereochem_target_val_spec_case     ? 
_refine.pdbx_overall_ESU_R                       ? 
_refine.pdbx_overall_ESU_R_Free                  ? 
_refine.pdbx_solvent_vdw_probe_radii             1.1100 
_refine.pdbx_solvent_ion_probe_radii             ? 
_refine.pdbx_solvent_shrinkage_radii             0.9000 
_refine.pdbx_real_space_R                        ? 
_refine.pdbx_density_correlation                 ? 
_refine.pdbx_pd_number_of_powder_patterns        ? 
_refine.pdbx_pd_number_of_points                 ? 
_refine.pdbx_pd_meas_number_of_points            ? 
_refine.pdbx_pd_proc_ls_prof_R_factor            ? 
_refine.pdbx_pd_proc_ls_prof_wR_factor           ? 
_refine.pdbx_pd_Marquardt_correlation_coeff      ? 
_refine.pdbx_pd_Fsqrd_R_factor                   ? 
_refine.pdbx_pd_ls_matrix_band_width             ? 
_refine.pdbx_overall_phase_error                 20.6300 
_refine.pdbx_overall_SU_R_free_Cruickshank_DPI   ? 
_refine.pdbx_overall_SU_R_free_Blow_DPI          ? 
_refine.pdbx_overall_SU_R_Blow_DPI               ? 
_refine.pdbx_TLS_residual_ADP_flag               ? 
_refine.pdbx_diffrn_id                           1 
_refine.overall_SU_B                             ? 
_refine.overall_SU_ML                            0.1700 
_refine.overall_SU_R_Cruickshank_DPI             ? 
_refine.overall_SU_R_free                        ? 
_refine.overall_FOM_free_R_set                   ? 
_refine.overall_FOM_work_R_set                   ? 
_refine.pdbx_average_fsc_overall                 ? 
_refine.pdbx_average_fsc_work                    ? 
_refine.pdbx_average_fsc_free                    ? 
# 
_refine_hist.pdbx_refine_id                   'X-RAY DIFFRACTION' 
_refine_hist.cycle_id                         final 
_refine_hist.details                          ? 
_refine_hist.d_res_high                       2.0100 
_refine_hist.d_res_low                        27.1800 
_refine_hist.number_atoms_solvent             37 
_refine_hist.number_atoms_total               278 
_refine_hist.number_reflns_all                ? 
_refine_hist.number_reflns_obs                ? 
_refine_hist.number_reflns_R_free             ? 
_refine_hist.number_reflns_R_work             ? 
_refine_hist.R_factor_all                     ? 
_refine_hist.R_factor_obs                     ? 
_refine_hist.R_factor_R_free                  ? 
_refine_hist.R_factor_R_work                  ? 
_refine_hist.pdbx_number_residues_total       12 
_refine_hist.pdbx_B_iso_mean_ligand           24.96 
_refine_hist.pdbx_B_iso_mean_solvent          34.09 
_refine_hist.pdbx_number_atoms_protein        0 
_refine_hist.pdbx_number_atoms_nucleic_acid   240 
_refine_hist.pdbx_number_atoms_ligand         1 
_refine_hist.pdbx_number_atoms_lipid          ? 
_refine_hist.pdbx_number_atoms_carb           ? 
_refine_hist.pdbx_pseudo_atom_details         ? 
# 
loop_
_refine_ls_shell.pdbx_refine_id 
_refine_ls_shell.d_res_high 
_refine_ls_shell.d_res_low 
_refine_ls_shell.number_reflns_all 
_refine_ls_shell.number_reflns_obs 
_refine_ls_shell.number_reflns_R_free 
_refine_ls_shell.number_reflns_R_work 
_refine_ls_shell.percent_reflns_obs 
_refine_ls_shell.percent_reflns_R_free 
_refine_ls_shell.R_factor_all 
_refine_ls_shell.R_factor_obs 
_refine_ls_shell.R_factor_R_free 
_refine_ls_shell.R_factor_R_free_error 
_refine_ls_shell.R_factor_R_work 
_refine_ls_shell.redundancy_reflns_all 
_refine_ls_shell.redundancy_reflns_obs 
_refine_ls_shell.wR_factor_all 
_refine_ls_shell.wR_factor_obs 
_refine_ls_shell.wR_factor_R_free 
_refine_ls_shell.wR_factor_R_work 
_refine_ls_shell.pdbx_R_complete 
_refine_ls_shell.pdbx_total_number_of_bins_used 
_refine_ls_shell.pdbx_phase_error 
_refine_ls_shell.pdbx_fsc_work 
_refine_ls_shell.pdbx_fsc_free 
'X-RAY DIFFRACTION' 2.0100 2.2100  1286 . 132 1154 99.0000  . . . 0.2561 0.0000 0.2183 . . . . . . . 4 . . . 
'X-RAY DIFFRACTION' 2.2100 2.5300  1289 . 130 1159 100.0000 . . . 0.2195 0.0000 0.1895 . . . . . . . 4 . . . 
'X-RAY DIFFRACTION' 2.5300 3.1800  1304 . 138 1166 100.0000 . . . 0.2373 0.0000 0.1845 . . . . . . . 4 . . . 
'X-RAY DIFFRACTION' 3.1900 27.1800 1304 . 138 1166 100.0000 . . . 0.1496 0.0000 0.1370 . . . . . . . 4 . . . 
# 
_struct.entry_id                     7EDV 
_struct.title                        'DNA duplex containing C-G-Au-C base triple' 
_struct.pdbx_model_details           ? 
_struct.pdbx_formula_weight          ? 
_struct.pdbx_formula_weight_method   ? 
_struct.pdbx_model_type_details      ? 
_struct.pdbx_CASP_flag               N 
# 
_struct_keywords.entry_id        7EDV 
_struct_keywords.text            'Metal-mediated base pair, Gold, DNA' 
_struct_keywords.pdbx_keywords   DNA 
# 
loop_
_struct_asym.id 
_struct_asym.pdbx_blank_PDB_chainid_flag 
_struct_asym.pdbx_modified 
_struct_asym.entity_id 
_struct_asym.details 
A N N 1 ? 
B N N 2 ? 
C N N 3 ? 
# 
_struct_ref.id                         1 
_struct_ref.db_name                    PDB 
_struct_ref.db_code                    7EDV 
_struct_ref.pdbx_db_accession          7EDV 
_struct_ref.pdbx_db_isoform            ? 
_struct_ref.entity_id                  1 
_struct_ref.pdbx_seq_one_letter_code   ? 
_struct_ref.pdbx_align_begin           1 
# 
_struct_ref_seq.align_id                      1 
_struct_ref_seq.ref_id                        1 
_struct_ref_seq.pdbx_PDB_id_code              7EDV 
_struct_ref_seq.pdbx_strand_id                A 
_struct_ref_seq.seq_align_beg                 1 
_struct_ref_seq.pdbx_seq_align_beg_ins_code   ? 
_struct_ref_seq.seq_align_end                 12 
_struct_ref_seq.pdbx_seq_align_end_ins_code   ? 
_struct_ref_seq.pdbx_db_accession             7EDV 
_struct_ref_seq.db_align_beg                  1 
_struct_ref_seq.pdbx_db_align_beg_ins_code    ? 
_struct_ref_seq.db_align_end                  12 
_struct_ref_seq.pdbx_db_align_end_ins_code    ? 
_struct_ref_seq.pdbx_auth_seq_align_beg       1 
_struct_ref_seq.pdbx_auth_seq_align_end       12 
# 
_pdbx_struct_assembly.id                   1 
_pdbx_struct_assembly.details              author_and_software_defined_assembly 
_pdbx_struct_assembly.method_details       PISA 
_pdbx_struct_assembly.oligomeric_details   dimeric 
_pdbx_struct_assembly.oligomeric_count     2 
# 
loop_
_pdbx_struct_assembly_prop.biol_id 
_pdbx_struct_assembly_prop.type 
_pdbx_struct_assembly_prop.value 
_pdbx_struct_assembly_prop.details 
1 'ABSA (A^2)' 1430 ? 
1 MORE         -14  ? 
1 'SSA (A^2)'  4210 ? 
# 
_pdbx_struct_assembly_gen.assembly_id       1 
_pdbx_struct_assembly_gen.oper_expression   1,2 
_pdbx_struct_assembly_gen.asym_id_list      A,B,C 
# 
_pdbx_struct_assembly_auth_evidence.id                     1 
_pdbx_struct_assembly_auth_evidence.assembly_id            1 
_pdbx_struct_assembly_auth_evidence.experimental_support   none 
_pdbx_struct_assembly_auth_evidence.details                ? 
# 
loop_
_pdbx_struct_oper_list.id 
_pdbx_struct_oper_list.type 
_pdbx_struct_oper_list.name 
_pdbx_struct_oper_list.symmetry_operation 
_pdbx_struct_oper_list.matrix[1][1] 
_pdbx_struct_oper_list.matrix[1][2] 
_pdbx_struct_oper_list.matrix[1][3] 
_pdbx_struct_oper_list.vector[1] 
_pdbx_struct_oper_list.matrix[2][1] 
_pdbx_struct_oper_list.matrix[2][2] 
_pdbx_struct_oper_list.matrix[2][3] 
_pdbx_struct_oper_list.vector[2] 
_pdbx_struct_oper_list.matrix[3][1] 
_pdbx_struct_oper_list.matrix[3][2] 
_pdbx_struct_oper_list.matrix[3][3] 
_pdbx_struct_oper_list.vector[3] 
1 'identity operation'         1_555 x,y,z          1.0000000000  0.0000000000 0.0000000000  0.0000000000 0.0000000000 1.0000000000 0.0000000000  0.0000000000  0.0000000000  0.0000000000  1.0000000000  0.0000000000  
2 'crystal symmetry operation' 6_553 -x,-x+y,-z-5/3 -0.9993540761 0.0298380976 -0.0200279453 1.3103540087 0.0298380976 0.3783543432 -0.9251798090 -1.5221990724 -0.0200279453 -0.9251798090 -0.3790002672 -2.2255470910 
# 
loop_
_struct_conn.id 
_struct_conn.conn_type_id 
_struct_conn.pdbx_leaving_atom_flag 
_struct_conn.pdbx_PDB_id 
_struct_conn.ptnr1_label_asym_id 
_struct_conn.ptnr1_label_comp_id 
_struct_conn.ptnr1_label_seq_id 
_struct_conn.ptnr1_label_atom_id 
_struct_conn.pdbx_ptnr1_label_alt_id 
_struct_conn.pdbx_ptnr1_PDB_ins_code 
_struct_conn.pdbx_ptnr1_standard_comp_id 
_struct_conn.ptnr1_symmetry 
_struct_conn.ptnr2_label_asym_id 
_struct_conn.ptnr2_label_comp_id 
_struct_conn.ptnr2_label_seq_id 
_struct_conn.ptnr2_label_atom_id 
_struct_conn.pdbx_ptnr2_label_alt_id 
_struct_conn.pdbx_ptnr2_PDB_ins_code 
_struct_conn.ptnr1_auth_asym_id 
_struct_conn.ptnr1_auth_comp_id 
_struct_conn.ptnr1_auth_seq_id 
_struct_conn.ptnr2_auth_asym_id 
_struct_conn.ptnr2_auth_comp_id 
_struct_conn.ptnr2_auth_seq_id 
_struct_conn.ptnr2_symmetry 
_struct_conn.pdbx_ptnr3_label_atom_id 
_struct_conn.pdbx_ptnr3_label_seq_id 
_struct_conn.pdbx_ptnr3_label_comp_id 
_struct_conn.pdbx_ptnr3_label_asym_id 
_struct_conn.pdbx_ptnr3_label_alt_id 
_struct_conn.pdbx_ptnr3_PDB_ins_code 
_struct_conn.details 
_struct_conn.pdbx_dist_value 
_struct_conn.pdbx_value_order 
_struct_conn.pdbx_role 
metalc1  metalc ? ? A DC 6  O2 ? ? ? 1_555 B AU .  AU ? ? A DC 6  A AU 101 1_555 ? ? ? ? ? ? ?            2.748 ? ? 
metalc2  metalc ? ? A DC 6  N3 ? ? ? 1_555 B AU .  AU ? ? A DC 6  A AU 101 1_555 ? ? ? ? ? ? ?            1.916 ? ? 
hydrog1  hydrog ? ? A DG 1  N1 ? ? ? 1_555 A DC 12 N3 ? ? A DG 1  A DC 12  6_553 ? ? ? ? ? ? WATSON-CRICK ?     ? ? 
hydrog2  hydrog ? ? A DG 1  N2 ? ? ? 1_555 A DC 12 O2 ? ? A DG 1  A DC 12  6_553 ? ? ? ? ? ? WATSON-CRICK ?     ? ? 
hydrog3  hydrog ? ? A DG 1  O6 ? ? ? 1_555 A DC 12 N4 ? ? A DG 1  A DC 12  6_553 ? ? ? ? ? ? WATSON-CRICK ?     ? ? 
hydrog4  hydrog ? ? A DG 2  N1 ? ? ? 1_555 A DC 11 N3 ? ? A DG 2  A DC 11  6_553 ? ? ? ? ? ? WATSON-CRICK ?     ? ? 
hydrog5  hydrog ? ? A DG 2  N2 ? ? ? 1_555 A DC 11 O2 ? ? A DG 2  A DC 11  6_553 ? ? ? ? ? ? WATSON-CRICK ?     ? ? 
hydrog6  hydrog ? ? A DG 2  O6 ? ? ? 1_555 A DC 11 N4 ? ? A DG 2  A DC 11  6_553 ? ? ? ? ? ? WATSON-CRICK ?     ? ? 
hydrog7  hydrog ? ? A DA 3  N1 ? ? ? 1_555 A DT 10 N3 ? ? A DA 3  A DT 10  6_553 ? ? ? ? ? ? WATSON-CRICK ?     ? ? 
hydrog8  hydrog ? ? A DA 3  N6 ? ? ? 1_555 A DT 10 O4 ? ? A DA 3  A DT 10  6_553 ? ? ? ? ? ? WATSON-CRICK ?     ? ? 
hydrog9  hydrog ? ? A DC 4  N3 ? ? ? 1_555 A DG 9  N1 ? ? A DC 4  A DG 9   6_553 ? ? ? ? ? ? WATSON-CRICK ?     ? ? 
hydrog10 hydrog ? ? A DC 4  N4 ? ? ? 1_555 A DG 9  O6 ? ? A DC 4  A DG 9   6_553 ? ? ? ? ? ? WATSON-CRICK ?     ? ? 
hydrog11 hydrog ? ? A DC 4  O2 ? ? ? 1_555 A DG 9  N2 ? ? A DC 4  A DG 9   6_553 ? ? ? ? ? ? WATSON-CRICK ?     ? ? 
hydrog12 hydrog ? ? A DC 5  N3 ? ? ? 1_555 A DG 8  N1 ? ? A DC 5  A DG 8   6_553 ? ? ? ? ? ? WATSON-CRICK ?     ? ? 
hydrog13 hydrog ? ? A DC 5  N4 ? ? ? 1_555 A DG 8  O6 ? ? A DC 5  A DG 8   6_553 ? ? ? ? ? ? WATSON-CRICK ?     ? ? 
hydrog14 hydrog ? ? A DC 5  O2 ? ? ? 1_555 A DG 8  N2 ? ? A DC 5  A DG 8   6_553 ? ? ? ? ? ? WATSON-CRICK ?     ? ? 
hydrog15 hydrog ? ? A DC 6  N4 ? ? ? 1_555 A DG 8  O6 ? ? A DC 6  A DG 8   1_555 ? ? ? ? ? ? 'DC-DG PAIR' ?     ? ? 
hydrog16 hydrog ? ? A DC 7  N4 ? ? ? 1_555 A DG 9  O6 ? ? A DC 7  A DG 9   1_555 ? ? ? ? ? ? 'DC-DG PAIR' ?     ? ? 
hydrog17 hydrog ? ? A DG 8  N1 ? ? ? 1_555 A DC 5  N3 ? ? A DG 8  A DC 5   6_553 ? ? ? ? ? ? WATSON-CRICK ?     ? ? 
hydrog18 hydrog ? ? A DG 8  N2 ? ? ? 1_555 A DC 5  O2 ? ? A DG 8  A DC 5   6_553 ? ? ? ? ? ? WATSON-CRICK ?     ? ? 
hydrog19 hydrog ? ? A DG 8  O6 ? ? ? 1_555 A DC 5  N4 ? ? A DG 8  A DC 5   6_553 ? ? ? ? ? ? WATSON-CRICK ?     ? ? 
hydrog20 hydrog ? ? A DG 8  N1 ? ? ? 1_555 A DC 6  N3 ? ? A DG 8  A DC 6   6_553 ? ? ? ? ? ? WATSON-CRICK ?     ? ? 
hydrog21 hydrog ? ? A DG 8  N2 ? ? ? 1_555 A DC 6  O2 ? ? A DG 8  A DC 6   6_553 ? ? ? ? ? ? WATSON-CRICK ?     ? ? 
hydrog22 hydrog ? ? A DG 8  O6 ? ? ? 1_555 A DC 6  N4 ? ? A DG 8  A DC 6   6_553 ? ? ? ? ? ? WATSON-CRICK ?     ? ? 
hydrog23 hydrog ? ? A DG 9  N1 ? ? ? 1_555 A DC 4  N3 ? ? A DG 9  A DC 4   6_553 ? ? ? ? ? ? WATSON-CRICK ?     ? ? 
hydrog24 hydrog ? ? A DG 9  N2 ? ? ? 1_555 A DC 4  O2 ? ? A DG 9  A DC 4   6_553 ? ? ? ? ? ? WATSON-CRICK ?     ? ? 
hydrog25 hydrog ? ? A DG 9  O6 ? ? ? 1_555 A DC 4  N4 ? ? A DG 9  A DC 4   6_553 ? ? ? ? ? ? WATSON-CRICK ?     ? ? 
hydrog26 hydrog ? ? A DT 10 N3 ? ? ? 1_555 A DA 3  N1 ? ? A DT 10 A DA 3   6_553 ? ? ? ? ? ? WATSON-CRICK ?     ? ? 
hydrog27 hydrog ? ? A DT 10 O4 ? ? ? 1_555 A DA 3  N6 ? ? A DT 10 A DA 3   6_553 ? ? ? ? ? ? WATSON-CRICK ?     ? ? 
hydrog28 hydrog ? ? A DC 11 N3 ? ? ? 1_555 A DG 2  N1 ? ? A DC 11 A DG 2   6_553 ? ? ? ? ? ? WATSON-CRICK ?     ? ? 
hydrog29 hydrog ? ? A DC 11 N4 ? ? ? 1_555 A DG 2  O6 ? ? A DC 11 A DG 2   6_553 ? ? ? ? ? ? WATSON-CRICK ?     ? ? 
hydrog30 hydrog ? ? A DC 11 O2 ? ? ? 1_555 A DG 2  N2 ? ? A DC 11 A DG 2   6_553 ? ? ? ? ? ? WATSON-CRICK ?     ? ? 
hydrog31 hydrog ? ? A DC 12 N3 ? ? ? 1_555 A DG 1  N1 ? ? A DC 12 A DG 1   6_553 ? ? ? ? ? ? WATSON-CRICK ?     ? ? 
hydrog32 hydrog ? ? A DC 12 N4 ? ? ? 1_555 A DG 1  O6 ? ? A DC 12 A DG 1   6_553 ? ? ? ? ? ? WATSON-CRICK ?     ? ? 
hydrog33 hydrog ? ? A DC 12 O2 ? ? ? 1_555 A DG 1  N2 ? ? A DC 12 A DG 1   6_553 ? ? ? ? ? ? WATSON-CRICK ?     ? ? 
# 
loop_
_struct_conn_type.id 
_struct_conn_type.criteria 
_struct_conn_type.reference 
metalc ? ? 
hydrog ? ? 
# 
_pdbx_struct_conn_angle.id                    1 
_pdbx_struct_conn_angle.ptnr1_label_atom_id   O2 
_pdbx_struct_conn_angle.ptnr1_label_alt_id    ? 
_pdbx_struct_conn_angle.ptnr1_label_asym_id   A 
_pdbx_struct_conn_angle.ptnr1_label_comp_id   DC 
_pdbx_struct_conn_angle.ptnr1_label_seq_id    6 
_pdbx_struct_conn_angle.ptnr1_auth_atom_id    ? 
_pdbx_struct_conn_angle.ptnr1_auth_asym_id    A 
_pdbx_struct_conn_angle.ptnr1_auth_comp_id    DC 
_pdbx_struct_conn_angle.ptnr1_auth_seq_id     6 
_pdbx_struct_conn_angle.ptnr1_PDB_ins_code    ? 
_pdbx_struct_conn_angle.ptnr1_symmetry        1_555 
_pdbx_struct_conn_angle.ptnr2_label_atom_id   AU 
_pdbx_struct_conn_angle.ptnr2_label_alt_id    ? 
_pdbx_struct_conn_angle.ptnr2_label_asym_id   B 
_pdbx_struct_conn_angle.ptnr2_label_comp_id   AU 
_pdbx_struct_conn_angle.ptnr2_label_seq_id    . 
_pdbx_struct_conn_angle.ptnr2_auth_atom_id    ? 
_pdbx_struct_conn_angle.ptnr2_auth_asym_id    A 
_pdbx_struct_conn_angle.ptnr2_auth_comp_id    AU 
_pdbx_struct_conn_angle.ptnr2_auth_seq_id     101 
_pdbx_struct_conn_angle.ptnr2_PDB_ins_code    ? 
_pdbx_struct_conn_angle.ptnr2_symmetry        1_555 
_pdbx_struct_conn_angle.ptnr3_label_atom_id   N3 
_pdbx_struct_conn_angle.ptnr3_label_alt_id    ? 
_pdbx_struct_conn_angle.ptnr3_label_asym_id   A 
_pdbx_struct_conn_angle.ptnr3_label_comp_id   DC 
_pdbx_struct_conn_angle.ptnr3_label_seq_id    6 
_pdbx_struct_conn_angle.ptnr3_auth_atom_id    ? 
_pdbx_struct_conn_angle.ptnr3_auth_asym_id    A 
_pdbx_struct_conn_angle.ptnr3_auth_comp_id    DC 
_pdbx_struct_conn_angle.ptnr3_auth_seq_id     6 
_pdbx_struct_conn_angle.ptnr3_PDB_ins_code    ? 
_pdbx_struct_conn_angle.ptnr3_symmetry        1_555 
_pdbx_struct_conn_angle.value                 54.3 
_pdbx_struct_conn_angle.value_esd             ? 
# 
_pdbx_entry_details.entry_id                   7EDV 
_pdbx_entry_details.has_ligand_of_interest     Y 
_pdbx_entry_details.compound_details           ? 
_pdbx_entry_details.source_details             ? 
_pdbx_entry_details.nonpolymer_details         ? 
_pdbx_entry_details.sequence_details           ? 
_pdbx_entry_details.has_protein_modification   N 
# 
_pdbx_validate_close_contact.id               1 
_pdbx_validate_close_contact.PDB_model_num    1 
_pdbx_validate_close_contact.auth_atom_id_1   N7 
_pdbx_validate_close_contact.auth_asym_id_1   A 
_pdbx_validate_close_contact.auth_comp_id_1   DG 
_pdbx_validate_close_contact.auth_seq_id_1    8 
_pdbx_validate_close_contact.PDB_ins_code_1   ? 
_pdbx_validate_close_contact.label_alt_id_1   ? 
_pdbx_validate_close_contact.auth_atom_id_2   AU 
_pdbx_validate_close_contact.auth_asym_id_2   A 
_pdbx_validate_close_contact.auth_comp_id_2   AU 
_pdbx_validate_close_contact.auth_seq_id_2    101 
_pdbx_validate_close_contact.PDB_ins_code_2   ? 
_pdbx_validate_close_contact.label_alt_id_2   ? 
_pdbx_validate_close_contact.dist             1.76 
# 
_pdbx_struct_special_symmetry.id              1 
_pdbx_struct_special_symmetry.PDB_model_num   1 
_pdbx_struct_special_symmetry.auth_asym_id    A 
_pdbx_struct_special_symmetry.auth_comp_id    HOH 
_pdbx_struct_special_symmetry.auth_seq_id     229 
_pdbx_struct_special_symmetry.PDB_ins_code    ? 
_pdbx_struct_special_symmetry.label_asym_id   C 
_pdbx_struct_special_symmetry.label_comp_id   HOH 
_pdbx_struct_special_symmetry.label_seq_id    . 
# 
loop_
_chem_comp_atom.comp_id 
_chem_comp_atom.atom_id 
_chem_comp_atom.type_symbol 
_chem_comp_atom.pdbx_aromatic_flag 
_chem_comp_atom.pdbx_stereo_config 
_chem_comp_atom.pdbx_ordinal 
AU  AU     AU N N 1   
DA  OP3    O  N N 2   
DA  P      P  N N 3   
DA  OP1    O  N N 4   
DA  OP2    O  N N 5   
DA  "O5'"  O  N N 6   
DA  "C5'"  C  N N 7   
DA  "C4'"  C  N R 8   
DA  "O4'"  O  N N 9   
DA  "C3'"  C  N S 10  
DA  "O3'"  O  N N 11  
DA  "C2'"  C  N N 12  
DA  "C1'"  C  N R 13  
DA  N9     N  Y N 14  
DA  C8     C  Y N 15  
DA  N7     N  Y N 16  
DA  C5     C  Y N 17  
DA  C6     C  Y N 18  
DA  N6     N  N N 19  
DA  N1     N  Y N 20  
DA  C2     C  Y N 21  
DA  N3     N  Y N 22  
DA  C4     C  Y N 23  
DA  HOP3   H  N N 24  
DA  HOP2   H  N N 25  
DA  "H5'"  H  N N 26  
DA  "H5''" H  N N 27  
DA  "H4'"  H  N N 28  
DA  "H3'"  H  N N 29  
DA  "HO3'" H  N N 30  
DA  "H2'"  H  N N 31  
DA  "H2''" H  N N 32  
DA  "H1'"  H  N N 33  
DA  H8     H  N N 34  
DA  H61    H  N N 35  
DA  H62    H  N N 36  
DA  H2     H  N N 37  
DC  OP3    O  N N 38  
DC  P      P  N N 39  
DC  OP1    O  N N 40  
DC  OP2    O  N N 41  
DC  "O5'"  O  N N 42  
DC  "C5'"  C  N N 43  
DC  "C4'"  C  N R 44  
DC  "O4'"  O  N N 45  
DC  "C3'"  C  N S 46  
DC  "O3'"  O  N N 47  
DC  "C2'"  C  N N 48  
DC  "C1'"  C  N R 49  
DC  N1     N  N N 50  
DC  C2     C  N N 51  
DC  O2     O  N N 52  
DC  N3     N  N N 53  
DC  C4     C  N N 54  
DC  N4     N  N N 55  
DC  C5     C  N N 56  
DC  C6     C  N N 57  
DC  HOP3   H  N N 58  
DC  HOP2   H  N N 59  
DC  "H5'"  H  N N 60  
DC  "H5''" H  N N 61  
DC  "H4'"  H  N N 62  
DC  "H3'"  H  N N 63  
DC  "HO3'" H  N N 64  
DC  "H2'"  H  N N 65  
DC  "H2''" H  N N 66  
DC  "H1'"  H  N N 67  
DC  H41    H  N N 68  
DC  H42    H  N N 69  
DC  H5     H  N N 70  
DC  H6     H  N N 71  
DG  OP3    O  N N 72  
DG  P      P  N N 73  
DG  OP1    O  N N 74  
DG  OP2    O  N N 75  
DG  "O5'"  O  N N 76  
DG  "C5'"  C  N N 77  
DG  "C4'"  C  N R 78  
DG  "O4'"  O  N N 79  
DG  "C3'"  C  N S 80  
DG  "O3'"  O  N N 81  
DG  "C2'"  C  N N 82  
DG  "C1'"  C  N R 83  
DG  N9     N  Y N 84  
DG  C8     C  Y N 85  
DG  N7     N  Y N 86  
DG  C5     C  Y N 87  
DG  C6     C  N N 88  
DG  O6     O  N N 89  
DG  N1     N  N N 90  
DG  C2     C  N N 91  
DG  N2     N  N N 92  
DG  N3     N  N N 93  
DG  C4     C  Y N 94  
DG  HOP3   H  N N 95  
DG  HOP2   H  N N 96  
DG  "H5'"  H  N N 97  
DG  "H5''" H  N N 98  
DG  "H4'"  H  N N 99  
DG  "H3'"  H  N N 100 
DG  "HO3'" H  N N 101 
DG  "H2'"  H  N N 102 
DG  "H2''" H  N N 103 
DG  "H1'"  H  N N 104 
DG  H8     H  N N 105 
DG  H1     H  N N 106 
DG  H21    H  N N 107 
DG  H22    H  N N 108 
DT  OP3    O  N N 109 
DT  P      P  N N 110 
DT  OP1    O  N N 111 
DT  OP2    O  N N 112 
DT  "O5'"  O  N N 113 
DT  "C5'"  C  N N 114 
DT  "C4'"  C  N R 115 
DT  "O4'"  O  N N 116 
DT  "C3'"  C  N S 117 
DT  "O3'"  O  N N 118 
DT  "C2'"  C  N N 119 
DT  "C1'"  C  N R 120 
DT  N1     N  N N 121 
DT  C2     C  N N 122 
DT  O2     O  N N 123 
DT  N3     N  N N 124 
DT  C4     C  N N 125 
DT  O4     O  N N 126 
DT  C5     C  N N 127 
DT  C7     C  N N 128 
DT  C6     C  N N 129 
DT  HOP3   H  N N 130 
DT  HOP2   H  N N 131 
DT  "H5'"  H  N N 132 
DT  "H5''" H  N N 133 
DT  "H4'"  H  N N 134 
DT  "H3'"  H  N N 135 
DT  "HO3'" H  N N 136 
DT  "H2'"  H  N N 137 
DT  "H2''" H  N N 138 
DT  "H1'"  H  N N 139 
DT  H3     H  N N 140 
DT  H71    H  N N 141 
DT  H72    H  N N 142 
DT  H73    H  N N 143 
DT  H6     H  N N 144 
HOH O      O  N N 145 
HOH H1     H  N N 146 
HOH H2     H  N N 147 
# 
loop_
_chem_comp_bond.comp_id 
_chem_comp_bond.atom_id_1 
_chem_comp_bond.atom_id_2 
_chem_comp_bond.value_order 
_chem_comp_bond.pdbx_aromatic_flag 
_chem_comp_bond.pdbx_stereo_config 
_chem_comp_bond.pdbx_ordinal 
DA  OP3   P      sing N N 1   
DA  OP3   HOP3   sing N N 2   
DA  P     OP1    doub N N 3   
DA  P     OP2    sing N N 4   
DA  P     "O5'"  sing N N 5   
DA  OP2   HOP2   sing N N 6   
DA  "O5'" "C5'"  sing N N 7   
DA  "C5'" "C4'"  sing N N 8   
DA  "C5'" "H5'"  sing N N 9   
DA  "C5'" "H5''" sing N N 10  
DA  "C4'" "O4'"  sing N N 11  
DA  "C4'" "C3'"  sing N N 12  
DA  "C4'" "H4'"  sing N N 13  
DA  "O4'" "C1'"  sing N N 14  
DA  "C3'" "O3'"  sing N N 15  
DA  "C3'" "C2'"  sing N N 16  
DA  "C3'" "H3'"  sing N N 17  
DA  "O3'" "HO3'" sing N N 18  
DA  "C2'" "C1'"  sing N N 19  
DA  "C2'" "H2'"  sing N N 20  
DA  "C2'" "H2''" sing N N 21  
DA  "C1'" N9     sing N N 22  
DA  "C1'" "H1'"  sing N N 23  
DA  N9    C8     sing Y N 24  
DA  N9    C4     sing Y N 25  
DA  C8    N7     doub Y N 26  
DA  C8    H8     sing N N 27  
DA  N7    C5     sing Y N 28  
DA  C5    C6     sing Y N 29  
DA  C5    C4     doub Y N 30  
DA  C6    N6     sing N N 31  
DA  C6    N1     doub Y N 32  
DA  N6    H61    sing N N 33  
DA  N6    H62    sing N N 34  
DA  N1    C2     sing Y N 35  
DA  C2    N3     doub Y N 36  
DA  C2    H2     sing N N 37  
DA  N3    C4     sing Y N 38  
DC  OP3   P      sing N N 39  
DC  OP3   HOP3   sing N N 40  
DC  P     OP1    doub N N 41  
DC  P     OP2    sing N N 42  
DC  P     "O5'"  sing N N 43  
DC  OP2   HOP2   sing N N 44  
DC  "O5'" "C5'"  sing N N 45  
DC  "C5'" "C4'"  sing N N 46  
DC  "C5'" "H5'"  sing N N 47  
DC  "C5'" "H5''" sing N N 48  
DC  "C4'" "O4'"  sing N N 49  
DC  "C4'" "C3'"  sing N N 50  
DC  "C4'" "H4'"  sing N N 51  
DC  "O4'" "C1'"  sing N N 52  
DC  "C3'" "O3'"  sing N N 53  
DC  "C3'" "C2'"  sing N N 54  
DC  "C3'" "H3'"  sing N N 55  
DC  "O3'" "HO3'" sing N N 56  
DC  "C2'" "C1'"  sing N N 57  
DC  "C2'" "H2'"  sing N N 58  
DC  "C2'" "H2''" sing N N 59  
DC  "C1'" N1     sing N N 60  
DC  "C1'" "H1'"  sing N N 61  
DC  N1    C2     sing N N 62  
DC  N1    C6     sing N N 63  
DC  C2    O2     doub N N 64  
DC  C2    N3     sing N N 65  
DC  N3    C4     doub N N 66  
DC  C4    N4     sing N N 67  
DC  C4    C5     sing N N 68  
DC  N4    H41    sing N N 69  
DC  N4    H42    sing N N 70  
DC  C5    C6     doub N N 71  
DC  C5    H5     sing N N 72  
DC  C6    H6     sing N N 73  
DG  OP3   P      sing N N 74  
DG  OP3   HOP3   sing N N 75  
DG  P     OP1    doub N N 76  
DG  P     OP2    sing N N 77  
DG  P     "O5'"  sing N N 78  
DG  OP2   HOP2   sing N N 79  
DG  "O5'" "C5'"  sing N N 80  
DG  "C5'" "C4'"  sing N N 81  
DG  "C5'" "H5'"  sing N N 82  
DG  "C5'" "H5''" sing N N 83  
DG  "C4'" "O4'"  sing N N 84  
DG  "C4'" "C3'"  sing N N 85  
DG  "C4'" "H4'"  sing N N 86  
DG  "O4'" "C1'"  sing N N 87  
DG  "C3'" "O3'"  sing N N 88  
DG  "C3'" "C2'"  sing N N 89  
DG  "C3'" "H3'"  sing N N 90  
DG  "O3'" "HO3'" sing N N 91  
DG  "C2'" "C1'"  sing N N 92  
DG  "C2'" "H2'"  sing N N 93  
DG  "C2'" "H2''" sing N N 94  
DG  "C1'" N9     sing N N 95  
DG  "C1'" "H1'"  sing N N 96  
DG  N9    C8     sing Y N 97  
DG  N9    C4     sing Y N 98  
DG  C8    N7     doub Y N 99  
DG  C8    H8     sing N N 100 
DG  N7    C5     sing Y N 101 
DG  C5    C6     sing N N 102 
DG  C5    C4     doub Y N 103 
DG  C6    O6     doub N N 104 
DG  C6    N1     sing N N 105 
DG  N1    C2     sing N N 106 
DG  N1    H1     sing N N 107 
DG  C2    N2     sing N N 108 
DG  C2    N3     doub N N 109 
DG  N2    H21    sing N N 110 
DG  N2    H22    sing N N 111 
DG  N3    C4     sing N N 112 
DT  OP3   P      sing N N 113 
DT  OP3   HOP3   sing N N 114 
DT  P     OP1    doub N N 115 
DT  P     OP2    sing N N 116 
DT  P     "O5'"  sing N N 117 
DT  OP2   HOP2   sing N N 118 
DT  "O5'" "C5'"  sing N N 119 
DT  "C5'" "C4'"  sing N N 120 
DT  "C5'" "H5'"  sing N N 121 
DT  "C5'" "H5''" sing N N 122 
DT  "C4'" "O4'"  sing N N 123 
DT  "C4'" "C3'"  sing N N 124 
DT  "C4'" "H4'"  sing N N 125 
DT  "O4'" "C1'"  sing N N 126 
DT  "C3'" "O3'"  sing N N 127 
DT  "C3'" "C2'"  sing N N 128 
DT  "C3'" "H3'"  sing N N 129 
DT  "O3'" "HO3'" sing N N 130 
DT  "C2'" "C1'"  sing N N 131 
DT  "C2'" "H2'"  sing N N 132 
DT  "C2'" "H2''" sing N N 133 
DT  "C1'" N1     sing N N 134 
DT  "C1'" "H1'"  sing N N 135 
DT  N1    C2     sing N N 136 
DT  N1    C6     sing N N 137 
DT  C2    O2     doub N N 138 
DT  C2    N3     sing N N 139 
DT  N3    C4     sing N N 140 
DT  N3    H3     sing N N 141 
DT  C4    O4     doub N N 142 
DT  C4    C5     sing N N 143 
DT  C5    C7     sing N N 144 
DT  C5    C6     doub N N 145 
DT  C7    H71    sing N N 146 
DT  C7    H72    sing N N 147 
DT  C7    H73    sing N N 148 
DT  C6    H6     sing N N 149 
HOH O     H1     sing N N 150 
HOH O     H2     sing N N 151 
# 
loop_
_ndb_struct_conf_na.entry_id 
_ndb_struct_conf_na.feature 
7EDV 'double helix'        
7EDV 'a-form double helix' 
7EDV 'triple helix'        
# 
loop_
_ndb_struct_na_base_pair.model_number 
_ndb_struct_na_base_pair.i_label_asym_id 
_ndb_struct_na_base_pair.i_label_comp_id 
_ndb_struct_na_base_pair.i_label_seq_id 
_ndb_struct_na_base_pair.i_symmetry 
_ndb_struct_na_base_pair.j_label_asym_id 
_ndb_struct_na_base_pair.j_label_comp_id 
_ndb_struct_na_base_pair.j_label_seq_id 
_ndb_struct_na_base_pair.j_symmetry 
_ndb_struct_na_base_pair.shear 
_ndb_struct_na_base_pair.stretch 
_ndb_struct_na_base_pair.stagger 
_ndb_struct_na_base_pair.buckle 
_ndb_struct_na_base_pair.propeller 
_ndb_struct_na_base_pair.opening 
_ndb_struct_na_base_pair.pair_number 
_ndb_struct_na_base_pair.pair_name 
_ndb_struct_na_base_pair.i_auth_asym_id 
_ndb_struct_na_base_pair.i_auth_seq_id 
_ndb_struct_na_base_pair.i_PDB_ins_code 
_ndb_struct_na_base_pair.j_auth_asym_id 
_ndb_struct_na_base_pair.j_auth_seq_id 
_ndb_struct_na_base_pair.j_PDB_ins_code 
_ndb_struct_na_base_pair.hbond_type_28 
_ndb_struct_na_base_pair.hbond_type_12 
1 A DC 6  1_555 A DG 8  1_555 -0.066 3.724  -0.353 5.542   -16.010 -78.512 1  A_DC6:DG8_A  A 6  ? A 8  ? ?  ? 
1 A DC 7  1_555 A DG 9  1_555 -0.274 3.423  -0.148 -3.511  -17.909 -65.540 2  A_DC7:DG9_A  A 7  ? A 9  ? ?  3 
1 A DG 1  1_555 A DC 12 6_553 -0.218 -0.201 0.202  -2.444  -6.548  -2.299  3  A_DG1:DC12_A A 1  ? A 12 ? 19 1 
1 A DG 2  1_555 A DC 11 6_553 -0.291 -0.202 -0.276 -17.721 -14.303 0.918   4  A_DG2:DC11_A A 2  ? A 11 ? 19 1 
1 A DA 3  1_555 A DT 10 6_553 0.202  -0.097 -0.303 -14.211 -1.077  -1.161  5  A_DA3:DT10_A A 3  ? A 10 ? 20 1 
1 A DC 4  1_555 A DG 9  6_553 0.272  -0.147 -0.071 7.558   -8.336  1.651   6  A_DC4:DG9_A  A 4  ? A 9  ? 19 1 
1 A DC 5  1_555 A DG 8  6_553 0.297  -0.043 -0.245 10.203  -1.286  3.377   7  A_DC5:DG8_A  A 5  ? A 8  ? 19 1 
1 A DG 8  1_555 A DC 5  6_553 -0.297 -0.043 -0.245 -10.203 -1.286  3.377   8  A_DG8:DC5_A  A 8  ? A 5  ? 19 1 
1 A DG 9  1_555 A DC 4  6_553 -0.272 -0.147 -0.071 -7.558  -8.336  1.651   9  A_DG9:DC4_A  A 9  ? A 4  ? 19 1 
1 A DT 10 1_555 A DA 3  6_553 -0.202 -0.097 -0.303 14.211  -1.077  -1.161  10 A_DT10:DA3_A A 10 ? A 3  ? 20 1 
1 A DC 11 1_555 A DG 2  6_553 0.291  -0.202 -0.276 17.721  -14.303 0.918   11 A_DC11:DG2_A A 11 ? A 2  ? 19 1 
1 A DC 12 1_555 A DG 1  6_553 0.218  -0.201 0.202  2.444   -6.548  -2.299  12 A_DC12:DG1_A A 12 ? A 1  ? 19 1 
# 
loop_
_ndb_struct_na_base_pair_step.model_number 
_ndb_struct_na_base_pair_step.i_label_asym_id_1 
_ndb_struct_na_base_pair_step.i_label_comp_id_1 
_ndb_struct_na_base_pair_step.i_label_seq_id_1 
_ndb_struct_na_base_pair_step.i_symmetry_1 
_ndb_struct_na_base_pair_step.j_label_asym_id_1 
_ndb_struct_na_base_pair_step.j_label_comp_id_1 
_ndb_struct_na_base_pair_step.j_label_seq_id_1 
_ndb_struct_na_base_pair_step.j_symmetry_1 
_ndb_struct_na_base_pair_step.i_label_asym_id_2 
_ndb_struct_na_base_pair_step.i_label_comp_id_2 
_ndb_struct_na_base_pair_step.i_label_seq_id_2 
_ndb_struct_na_base_pair_step.i_symmetry_2 
_ndb_struct_na_base_pair_step.j_label_asym_id_2 
_ndb_struct_na_base_pair_step.j_label_comp_id_2 
_ndb_struct_na_base_pair_step.j_label_seq_id_2 
_ndb_struct_na_base_pair_step.j_symmetry_2 
_ndb_struct_na_base_pair_step.shift 
_ndb_struct_na_base_pair_step.slide 
_ndb_struct_na_base_pair_step.rise 
_ndb_struct_na_base_pair_step.tilt 
_ndb_struct_na_base_pair_step.roll 
_ndb_struct_na_base_pair_step.twist 
_ndb_struct_na_base_pair_step.x_displacement 
_ndb_struct_na_base_pair_step.y_displacement 
_ndb_struct_na_base_pair_step.helical_rise 
_ndb_struct_na_base_pair_step.inclination 
_ndb_struct_na_base_pair_step.tip 
_ndb_struct_na_base_pair_step.helical_twist 
_ndb_struct_na_base_pair_step.step_number 
_ndb_struct_na_base_pair_step.step_name 
_ndb_struct_na_base_pair_step.i_auth_asym_id_1 
_ndb_struct_na_base_pair_step.i_auth_seq_id_1 
_ndb_struct_na_base_pair_step.i_PDB_ins_code_1 
_ndb_struct_na_base_pair_step.j_auth_asym_id_1 
_ndb_struct_na_base_pair_step.j_auth_seq_id_1 
_ndb_struct_na_base_pair_step.j_PDB_ins_code_1 
_ndb_struct_na_base_pair_step.i_auth_asym_id_2 
_ndb_struct_na_base_pair_step.i_auth_seq_id_2 
_ndb_struct_na_base_pair_step.i_PDB_ins_code_2 
_ndb_struct_na_base_pair_step.j_auth_asym_id_2 
_ndb_struct_na_base_pair_step.j_auth_seq_id_2 
_ndb_struct_na_base_pair_step.j_PDB_ins_code_2 
1 A DC 6  1_555 A DG 8  1_555 A DC 7  1_555 A DG 9  1_555 0.969  -2.034 3.158 4.063  1.122  33.005  -3.735 -1.033 3.183 1.966  
-7.115  33.266  1  AA_DC6DC7:DG9DG8_AA   A 6  ? A 8  ? A 7  ? A 9  ? 
1 A DG 1  1_555 A DC 12 6_553 A DG 2  1_555 A DC 11 6_553 0.530  -1.621 3.682 8.058  4.903  35.232  -3.350 0.396  3.466 7.927  
-13.026 36.434  2  AA_DG1DG2:DC11DC12_AA A 1  ? A 12 ? A 2  ? A 11 ? 
1 A DG 2  1_555 A DC 11 6_553 A DA 3  1_555 A DT 10 6_553 0.009  -1.045 3.275 2.133  1.562  35.336  -1.945 0.297  3.222 2.569  
-3.508  35.432  3  AA_DG2DA3:DT10DC11_AA A 2  ? A 11 ? A 3  ? A 10 ? 
1 A DA 3  1_555 A DT 10 6_553 A DC 4  1_555 A DG 9  6_553 0.629  -1.045 2.840 -1.342 6.522  29.105  -3.156 -1.454 2.521 12.769 
2.627   29.841  4  AA_DA3DC4:DG9DT10_AA  A 3  ? A 10 ? A 4  ? A 9  ? 
1 A DC 4  1_555 A DG 9  6_553 A DC 5  1_555 A DG 8  6_553 -0.099 -2.129 3.268 -1.454 4.980  27.933  -5.420 -0.114 2.854 10.204 
2.980   28.402  5  AA_DC4DC5:DG8DG9_AA   A 4  ? A 9  ? A 5  ? A 8  ? 
1 A DC 5  1_555 A DG 8  6_553 A DG 8  1_555 A DC 5  6_553 0.000  -5.114 3.312 0.000  15.549 108.398 -3.320 0.000  2.799 9.556  
0.000   109.156 6  AA_DC5DG8:DC5DG8_AA   A 5  ? A 8  ? A 8  ? A 5  ? 
1 A DG 8  1_555 A DC 5  6_553 A DG 9  1_555 A DC 4  6_553 0.099  -2.129 3.268 1.454  4.980  27.933  -5.420 0.114  2.854 10.204 
-2.980  28.402  7  AA_DG8DG9:DC4DC5_AA   A 8  ? A 5  ? A 9  ? A 4  ? 
1 A DG 9  1_555 A DC 4  6_553 A DT 10 1_555 A DA 3  6_553 -0.629 -1.045 2.840 1.342  6.522  29.105  -3.156 1.454  2.521 12.769 
-2.627  29.841  8  AA_DG9DT10:DA3DC4_AA  A 9  ? A 4  ? A 10 ? A 3  ? 
1 A DT 10 1_555 A DA 3  6_553 A DC 11 1_555 A DG 2  6_553 -0.009 -1.045 3.275 -2.133 1.562  35.336  -1.945 -0.297 3.222 2.569  
3.508   35.432  9  AA_DT10DC11:DG2DA3_AA A 10 ? A 3  ? A 11 ? A 2  ? 
1 A DC 11 1_555 A DG 2  6_553 A DC 12 1_555 A DG 1  6_553 -0.530 -1.621 3.682 -8.058 4.903  35.232  -3.350 -0.396 3.466 7.927  
13.026  36.434  10 AA_DC11DC12:DG1DG2_AA A 11 ? A 2  ? A 12 ? A 1  ? 
# 
_pdbx_audit_support.funding_organization   'Ministry of Education, Culture, Sports, Science and Technology (Japan)' 
_pdbx_audit_support.country                Japan 
_pdbx_audit_support.grant_number           24245037 
_pdbx_audit_support.ordinal                1 
# 
_atom_sites.entry_id                    7EDV 
_atom_sites.Cartn_transf_matrix[1][1]   ? 
_atom_sites.Cartn_transf_matrix[1][2]   ? 
_atom_sites.Cartn_transf_matrix[1][3]   ? 
_atom_sites.Cartn_transf_matrix[2][1]   ? 
_atom_sites.Cartn_transf_matrix[2][2]   ? 
_atom_sites.Cartn_transf_matrix[2][3]   ? 
_atom_sites.Cartn_transf_matrix[3][1]   ? 
_atom_sites.Cartn_transf_matrix[3][2]   ? 
_atom_sites.Cartn_transf_matrix[3][3]   ? 
_atom_sites.Cartn_transf_vector[1]      ? 
_atom_sites.Cartn_transf_vector[2]      ? 
_atom_sites.Cartn_transf_vector[3]      ? 
_atom_sites.fract_transf_matrix[1][1]   -0.02926010 
_atom_sites.fract_transf_matrix[1][2]   -0.00302889 
_atom_sites.fract_transf_matrix[1][3]   -0.00545640 
_atom_sites.fract_transf_matrix[2][1]   -0.01509557 
_atom_sites.fract_transf_matrix[2][2]   -0.02302390 
_atom_sites.fract_transf_matrix[2][3]   0.01170942 
_atom_sites.fract_transf_matrix[3][1]   -0.00445122 
_atom_sites.fract_transf_matrix[3][2]   0.01174286 
_atom_sites.fract_transf_matrix[3][3]   0.01735123 
_atom_sites.fract_transf_vector[1]      0.010796 
_atom_sites.fract_transf_vector[2]      -0.520317 
_atom_sites.fract_transf_vector[3]      -0.802180 
_atom_sites.solution_primary            ? 
_atom_sites.solution_secondary          ? 
_atom_sites.solution_hydrogens          ? 
_atom_sites.special_details             ? 
# 
loop_
_atom_type.symbol 
AU 
C  
N  
O  
P  
# 
loop_
_atom_site.group_PDB 
_atom_site.id 
_atom_site.type_symbol 
_atom_site.label_atom_id 
_atom_site.label_alt_id 
_atom_site.label_comp_id 
_atom_site.label_asym_id 
_atom_site.label_entity_id 
_atom_site.label_seq_id 
_atom_site.pdbx_PDB_ins_code 
_atom_site.Cartn_x 
_atom_site.Cartn_y 
_atom_site.Cartn_z 
_atom_site.occupancy 
_atom_site.B_iso_or_equiv 
_atom_site.pdbx_formal_charge 
_atom_site.auth_seq_id 
_atom_site.auth_comp_id 
_atom_site.auth_asym_id 
_atom_site.auth_atom_id 
_atom_site.pdbx_PDB_model_num 
ATOM   1   O  "O5'" . DG  A 1 1  ? 13.945  0.181   -4.828  1.00 29.47 ? 1   DG  A "O5'" 1 
ATOM   2   C  "C5'" . DG  A 1 1  ? 14.629  1.404   -5.124  1.00 26.09 ? 1   DG  A "C5'" 1 
ATOM   3   C  "C4'" . DG  A 1 1  ? 14.304  1.884   -6.533  1.00 25.75 ? 1   DG  A "C4'" 1 
ATOM   4   O  "O4'" . DG  A 1 1  ? 14.792  0.932   -7.520  1.00 23.37 ? 1   DG  A "O4'" 1 
ATOM   5   C  "C3'" . DG  A 1 1  ? 12.830  2.013   -6.846  1.00 24.21 ? 1   DG  A "C3'" 1 
ATOM   6   O  "O3'" . DG  A 1 1  ? 12.329  3.249   -6.348  1.00 24.71 ? 1   DG  A "O3'" 1 
ATOM   7   C  "C2'" . DG  A 1 1  ? 12.870  1.986   -8.364  1.00 23.08 ? 1   DG  A "C2'" 1 
ATOM   8   C  "C1'" . DG  A 1 1  ? 13.871  0.856   -8.599  1.00 22.93 ? 1   DG  A "C1'" 1 
ATOM   9   N  N9    . DG  A 1 1  ? 13.229  -0.459  -8.582  1.00 22.12 ? 1   DG  A N9    1 
ATOM   10  C  C8    . DG  A 1 1  ? 13.373  -1.437  -7.631  1.00 22.06 ? 1   DG  A C8    1 
ATOM   11  N  N7    . DG  A 1 1  ? 12.661  -2.498  -7.866  1.00 20.90 ? 1   DG  A N7    1 
ATOM   12  C  C5    . DG  A 1 1  ? 11.977  -2.201  -9.033  1.00 22.83 ? 1   DG  A C5    1 
ATOM   13  C  C6    . DG  A 1 1  ? 11.047  -2.972  -9.758  1.00 21.87 ? 1   DG  A C6    1 
ATOM   14  O  O6    . DG  A 1 1  ? 10.633  -4.106  -9.500  1.00 24.92 ? 1   DG  A O6    1 
ATOM   15  N  N1    . DG  A 1 1  ? 10.596  -2.309  -10.897 1.00 22.42 ? 1   DG  A N1    1 
ATOM   16  C  C2    . DG  A 1 1  ? 10.989  -1.057  -11.278 1.00 21.77 ? 1   DG  A C2    1 
ATOM   17  N  N2    . DG  A 1 1  ? 10.446  -0.592  -12.412 1.00 21.79 ? 1   DG  A N2    1 
ATOM   18  N  N3    . DG  A 1 1  ? 11.867  -0.315  -10.606 1.00 21.55 ? 1   DG  A N3    1 
ATOM   19  C  C4    . DG  A 1 1  ? 12.314  -0.950  -9.493  1.00 21.05 ? 1   DG  A C4    1 
ATOM   20  P  P     . DG  A 1 2  ? 10.847  3.324   -5.716  1.00 26.32 ? 2   DG  A P     1 
ATOM   21  O  OP1   . DG  A 1 2  ? 10.758  4.659   -5.085  1.00 24.65 ? 2   DG  A OP1   1 
ATOM   22  O  OP2   . DG  A 1 2  ? 10.621  2.096   -4.902  1.00 28.11 ? 2   DG  A OP2   1 
ATOM   23  O  "O5'" . DG  A 1 2  ? 9.901   3.246   -6.992  1.00 24.33 ? 2   DG  A "O5'" 1 
ATOM   24  C  "C5'" . DG  A 1 2  ? 10.014  4.233   -8.017  1.00 22.95 ? 2   DG  A "C5'" 1 
ATOM   25  C  "C4'" . DG  A 1 2  ? 9.239   3.823   -9.252  1.00 25.30 ? 2   DG  A "C4'" 1 
ATOM   26  O  "O4'" . DG  A 1 2  ? 9.770   2.585   -9.780  1.00 25.25 ? 2   DG  A "O4'" 1 
ATOM   27  C  "C3'" . DG  A 1 2  ? 7.766   3.545   -9.030  1.00 26.21 ? 2   DG  A "C3'" 1 
ATOM   28  O  "O3'" . DG  A 1 2  ? 7.028   4.759   -9.076  1.00 30.07 ? 2   DG  A "O3'" 1 
ATOM   29  C  "C2'" . DG  A 1 2  ? 7.445   2.649   -10.223 1.00 25.67 ? 2   DG  A "C2'" 1 
ATOM   30  C  "C1'" . DG  A 1 2  ? 8.707   1.798   -10.312 1.00 26.19 ? 2   DG  A "C1'" 1 
ATOM   31  N  N9    . DG  A 1 2  ? 8.606   0.561   -9.542  1.00 23.36 ? 2   DG  A N9    1 
ATOM   32  C  C8    . DG  A 1 2  ? 9.187   0.287   -8.327  1.00 23.75 ? 2   DG  A C8    1 
ATOM   33  N  N7    . DG  A 1 2  ? 8.899   -0.903  -7.869  1.00 25.26 ? 2   DG  A N7    1 
ATOM   34  C  C5    . DG  A 1 2  ? 8.063   -1.443  -8.838  1.00 25.43 ? 2   DG  A C5    1 
ATOM   35  C  C6    . DG  A 1 2  ? 7.430   -2.710  -8.895  1.00 25.54 ? 2   DG  A C6    1 
ATOM   36  O  O6    . DG  A 1 2  ? 7.488   -3.637  -8.075  1.00 26.05 ? 2   DG  A O6    1 
ATOM   37  N  N1    . DG  A 1 2  ? 6.667   -2.849  -10.047 1.00 24.19 ? 2   DG  A N1    1 
ATOM   38  C  C2    . DG  A 1 2  ? 6.536   -1.889  -11.024 1.00 27.07 ? 2   DG  A C2    1 
ATOM   39  N  N2    . DG  A 1 2  ? 5.765   -2.212  -12.070 1.00 24.04 ? 2   DG  A N2    1 
ATOM   40  N  N3    . DG  A 1 2  ? 7.127   -0.700  -10.984 1.00 25.51 ? 2   DG  A N3    1 
ATOM   41  C  C4    . DG  A 1 2  ? 7.870   -0.549  -9.869  1.00 24.31 ? 2   DG  A C4    1 
ATOM   42  P  P     . DA  A 1 3  ? 5.619   4.891   -8.302  1.00 32.32 ? 3   DA  A P     1 
ATOM   43  O  OP1   . DA  A 1 3  ? 5.200   6.295   -8.471  1.00 34.48 ? 3   DA  A OP1   1 
ATOM   44  O  OP2   . DA  A 1 3  ? 5.758   4.273   -6.980  1.00 30.79 ? 3   DA  A OP2   1 
ATOM   45  O  "O5'" . DA  A 1 3  ? 4.633   3.946   -9.114  1.00 27.85 ? 3   DA  A "O5'" 1 
ATOM   46  C  "C5'" . DA  A 1 3  ? 4.273   4.256   -10.445 1.00 27.59 ? 3   DA  A "C5'" 1 
ATOM   47  C  "C4'" . DA  A 1 3  ? 3.417   3.143   -11.029 1.00 30.30 ? 3   DA  A "C4'" 1 
ATOM   48  O  "O4'" . DA  A 1 3  ? 4.194   1.916   -11.132 1.00 28.50 ? 3   DA  A "O4'" 1 
ATOM   49  C  "C3'" . DA  A 1 3  ? 2.220   2.753   -10.184 1.00 28.63 ? 3   DA  A "C3'" 1 
ATOM   50  O  "O3'" . DA  A 1 3  ? 1.145   3.621   -10.443 1.00 33.37 ? 3   DA  A "O3'" 1 
ATOM   51  C  "C2'" . DA  A 1 3  ? 1.931   1.355   -10.712 1.00 24.98 ? 3   DA  A "C2'" 1 
ATOM   52  C  "C1'" . DA  A 1 3  ? 3.347   0.804   -10.885 1.00 27.85 ? 3   DA  A "C1'" 1 
ATOM   53  N  N9    . DA  A 1 3  ? 3.841   0.073   -9.715  1.00 25.86 ? 3   DA  A N9    1 
ATOM   54  C  C8    . DA  A 1 3  ? 4.636   0.544   -8.715  1.00 28.06 ? 3   DA  A C8    1 
ATOM   55  N  N7    . DA  A 1 3  ? 4.925   -0.355  -7.803  1.00 26.08 ? 3   DA  A N7    1 
ATOM   56  C  C5    . DA  A 1 3  ? 4.271   -1.490  -8.238  1.00 25.62 ? 3   DA  A C5    1 
ATOM   57  C  C6    . DA  A 1 3  ? 4.173   -2.799  -7.714  1.00 24.70 ? 3   DA  A C6    1 
ATOM   58  N  N6    . DA  A 1 3  ? 4.761   -3.195  -6.589  1.00 24.05 ? 3   DA  A N6    1 
ATOM   59  N  N1    . DA  A 1 3  ? 3.440   -3.683  -8.397  1.00 25.91 ? 3   DA  A N1    1 
ATOM   60  C  C2    . DA  A 1 3  ? 2.849   -3.292  -9.524  1.00 27.30 ? 3   DA  A C2    1 
ATOM   61  N  N3    . DA  A 1 3  ? 2.870   -2.104  -10.112 1.00 25.23 ? 3   DA  A N3    1 
ATOM   62  C  C4    . DA  A 1 3  ? 3.603   -1.243  -9.412  1.00 24.94 ? 3   DA  A C4    1 
ATOM   63  P  P     . DC  A 1 4  ? 0.057   3.921   -9.305  1.00 30.76 ? 4   DC  A P     1 
ATOM   64  O  OP1   . DC  A 1 4  ? -0.766  5.011   -9.880  1.00 31.33 ? 4   DC  A OP1   1 
ATOM   65  O  OP2   . DC  A 1 4  ? 0.709   4.054   -7.989  1.00 27.12 ? 4   DC  A OP2   1 
ATOM   66  O  "O5'" . DC  A 1 4  ? -0.792  2.572   -9.197  1.00 28.89 ? 4   DC  A "O5'" 1 
ATOM   67  C  "C5'" . DC  A 1 4  ? -1.667  2.199   -10.242 1.00 28.98 ? 4   DC  A "C5'" 1 
ATOM   68  C  "C4'" . DC  A 1 4  ? -1.994  0.718   -10.161 1.00 27.56 ? 4   DC  A "C4'" 1 
ATOM   69  O  "O4'" . DC  A 1 4  ? -0.767  -0.048  -10.086 1.00 27.44 ? 4   DC  A "O4'" 1 
ATOM   70  C  "C3'" . DC  A 1 4  ? -2.767  0.289   -8.922  1.00 28.41 ? 4   DC  A "C3'" 1 
ATOM   71  O  "O3'" . DC  A 1 4  ? -4.167  0.535   -9.106  1.00 31.43 ? 4   DC  A "O3'" 1 
ATOM   72  C  "C2'" . DC  A 1 4  ? -2.472  -1.208  -8.905  1.00 26.17 ? 4   DC  A "C2'" 1 
ATOM   73  C  "C1'" . DC  A 1 4  ? -1.007  -1.238  -9.346  1.00 25.87 ? 4   DC  A "C1'" 1 
ATOM   74  N  N1    . DC  A 1 4  ? -0.070  -1.311  -8.180  1.00 25.36 ? 4   DC  A N1    1 
ATOM   75  C  C2    . DC  A 1 4  ? 0.181   -2.550  -7.608  1.00 22.07 ? 4   DC  A C2    1 
ATOM   76  O  O2    . DC  A 1 4  ? -0.358  -3.544  -8.095  1.00 26.24 ? 4   DC  A O2    1 
ATOM   77  N  N3    . DC  A 1 4  ? 1.015   -2.634  -6.545  1.00 20.78 ? 4   DC  A N3    1 
ATOM   78  C  C4    . DC  A 1 4  ? 1.563   -1.537  -6.040  1.00 22.90 ? 4   DC  A C4    1 
ATOM   79  N  N4    . DC  A 1 4  ? 2.369   -1.678  -4.980  1.00 23.75 ? 4   DC  A N4    1 
ATOM   80  C  C5    . DC  A 1 4  ? 1.314   -0.247  -6.598  1.00 24.74 ? 4   DC  A C5    1 
ATOM   81  C  C6    . DC  A 1 4  ? 0.487   -0.178  -7.657  1.00 25.74 ? 4   DC  A C6    1 
ATOM   82  P  P     . DC  A 1 5  ? -5.152  0.629   -7.841  1.00 34.01 ? 5   DC  A P     1 
ATOM   83  O  OP1   . DC  A 1 5  ? -6.469  0.946   -8.432  1.00 34.85 ? 5   DC  A OP1   1 
ATOM   84  O  OP2   . DC  A 1 5  ? -4.542  1.503   -6.822  1.00 35.33 ? 5   DC  A OP2   1 
ATOM   85  O  "O5'" . DC  A 1 5  ? -5.183  -0.857  -7.212  1.00 27.98 ? 5   DC  A "O5'" 1 
ATOM   86  C  "C5'" . DC  A 1 5  ? -5.763  -1.926  -7.946  1.00 28.26 ? 5   DC  A "C5'" 1 
ATOM   87  C  "C4'" . DC  A 1 5  ? -5.631  -3.247  -7.199  1.00 27.33 ? 5   DC  A "C4'" 1 
ATOM   88  O  "O4'" . DC  A 1 5  ? -4.244  -3.683  -7.181  1.00 26.81 ? 5   DC  A "O4'" 1 
ATOM   89  C  "C3'" . DC  A 1 5  ? -6.002  -3.225  -5.730  1.00 27.22 ? 5   DC  A "C3'" 1 
ATOM   90  O  "O3'" . DC  A 1 5  ? -7.425  -3.229  -5.555  1.00 27.24 ? 5   DC  A "O3'" 1 
ATOM   91  C  "C2'" . DC  A 1 5  ? -5.377  -4.536  -5.284  1.00 23.68 ? 5   DC  A "C2'" 1 
ATOM   92  C  "C1'" . DC  A 1 5  ? -4.037  -4.483  -6.032  1.00 23.54 ? 5   DC  A "C1'" 1 
ATOM   93  N  N1    . DC  A 1 5  ? -2.945  -3.895  -5.207  1.00 23.14 ? 5   DC  A N1    1 
ATOM   94  C  C2    . DC  A 1 5  ? -2.297  -4.714  -4.297  1.00 22.12 ? 5   DC  A C2    1 
ATOM   95  O  O2    . DC  A 1 5  ? -2.645  -5.899  -4.218  1.00 21.24 ? 5   DC  A O2    1 
ATOM   96  N  N3    . DC  A 1 5  ? -1.306  -4.195  -3.528  1.00 20.54 ? 5   DC  A N3    1 
ATOM   97  C  C4    . DC  A 1 5  ? -0.980  -2.906  -3.644  1.00 22.32 ? 5   DC  A C4    1 
ATOM   98  N  N4    . DC  A 1 5  ? 0.002   -2.441  -2.869  1.00 20.48 ? 5   DC  A N4    1 
ATOM   99  C  C5    . DC  A 1 5  ? -1.651  -2.041  -4.561  1.00 21.98 ? 5   DC  A C5    1 
ATOM   100 C  C6    . DC  A 1 5  ? -2.623  -2.571  -5.314  1.00 22.06 ? 5   DC  A C6    1 
ATOM   101 P  P     . DC  A 1 6  ? -8.086  -2.662  -4.206  1.00 27.32 ? 6   DC  A P     1 
ATOM   102 O  OP1   . DC  A 1 6  ? -9.533  -2.572  -4.468  1.00 31.98 ? 6   DC  A OP1   1 
ATOM   103 O  OP2   . DC  A 1 6  ? -7.384  -1.445  -3.723  1.00 29.25 ? 6   DC  A OP2   1 
ATOM   104 O  "O5'" . DC  A 1 6  ? -7.798  -3.799  -3.123  1.00 24.77 ? 6   DC  A "O5'" 1 
ATOM   105 C  "C5'" . DC  A 1 6  ? -8.360  -5.087  -3.290  1.00 24.64 ? 6   DC  A "C5'" 1 
ATOM   106 C  "C4'" . DC  A 1 6  ? -7.719  -6.098  -2.348  1.00 23.62 ? 6   DC  A "C4'" 1 
ATOM   107 O  "O4'" . DC  A 1 6  ? -6.297  -6.232  -2.622  1.00 23.42 ? 6   DC  A "O4'" 1 
ATOM   108 C  "C3'" . DC  A 1 6  ? -7.803  -5.759  -0.872  1.00 24.24 ? 6   DC  A "C3'" 1 
ATOM   109 O  "O3'" . DC  A 1 6  ? -9.107  -6.127  -0.362  1.00 26.06 ? 6   DC  A "O3'" 1 
ATOM   110 C  "C2'" . DC  A 1 6  ? -6.685  -6.630  -0.307  1.00 21.51 ? 6   DC  A "C2'" 1 
ATOM   111 C  "C1'" . DC  A 1 6  ? -5.611  -6.495  -1.401  1.00 23.56 ? 6   DC  A "C1'" 1 
ATOM   112 N  N1    . DC  A 1 6  ? -4.669  -5.374  -1.115  1.00 23.08 ? 6   DC  A N1    1 
ATOM   113 C  C2    . DC  A 1 6  ? -3.661  -5.572  -0.174  1.00 22.30 ? 6   DC  A C2    1 
ATOM   114 O  O2    . DC  A 1 6  ? -3.536  -6.685  0.362   1.00 22.12 ? 6   DC  A O2    1 
ATOM   115 N  N3    . DC  A 1 6  ? -2.823  -4.563  0.109   1.00 24.33 ? 6   DC  A N3    1 
ATOM   116 C  C4    . DC  A 1 6  ? -2.959  -3.387  -0.467  1.00 25.56 ? 6   DC  A C4    1 
ATOM   117 N  N4    . DC  A 1 6  ? -2.080  -2.441  -0.122  1.00 20.96 ? 6   DC  A N4    1 
ATOM   118 C  C5    . DC  A 1 6  ? -3.998  -3.127  -1.424  1.00 23.46 ? 6   DC  A C5    1 
ATOM   119 C  C6    . DC  A 1 6  ? -4.833  -4.150  -1.711  1.00 23.67 ? 6   DC  A C6    1 
ATOM   120 P  P     . DC  A 1 7  ? -9.492  -5.907  1.175   1.00 29.05 ? 7   DC  A P     1 
ATOM   121 O  OP1   . DC  A 1 7  ? -10.944 -6.092  1.331   1.00 27.82 ? 7   DC  A OP1   1 
ATOM   122 O  OP2   . DC  A 1 7  ? -8.858  -4.665  1.646   1.00 23.69 ? 7   DC  A OP2   1 
ATOM   123 O  "O5'" . DC  A 1 7  ? -8.791  -7.135  1.916   1.00 29.61 ? 7   DC  A "O5'" 1 
ATOM   124 C  "C5'" . DC  A 1 7  ? -8.372  -6.996  3.268   1.00 27.97 ? 7   DC  A "C5'" 1 
ATOM   125 C  "C4'" . DC  A 1 7  ? -7.008  -7.629  3.461   1.00 27.50 ? 7   DC  A "C4'" 1 
ATOM   126 O  "O4'" . DC  A 1 7  ? -5.999  -6.782  2.848   1.00 27.92 ? 7   DC  A "O4'" 1 
ATOM   127 C  "C3'" . DC  A 1 7  ? -6.557  -7.777  4.904   1.00 27.65 ? 7   DC  A "C3'" 1 
ATOM   128 O  "O3'" . DC  A 1 7  ? -5.540  -8.790  4.943   1.00 27.09 ? 7   DC  A "O3'" 1 
ATOM   129 C  "C2'" . DC  A 1 7  ? -5.974  -6.387  5.158   1.00 24.90 ? 7   DC  A "C2'" 1 
ATOM   130 C  "C1'" . DC  A 1 7  ? -5.193  -6.206  3.867   1.00 27.05 ? 7   DC  A "C1'" 1 
ATOM   131 N  N1    . DC  A 1 7  ? -4.871  -4.779  3.490   1.00 22.52 ? 7   DC  A N1    1 
ATOM   132 C  C2    . DC  A 1 7  ? -3.739  -4.152  4.033   1.00 22.74 ? 7   DC  A C2    1 
ATOM   133 O  O2    . DC  A 1 7  ? -3.063  -4.755  4.862   1.00 21.85 ? 7   DC  A O2    1 
ATOM   134 N  N3    . DC  A 1 7  ? -3.446  -2.882  3.660   1.00 21.53 ? 7   DC  A N3    1 
ATOM   135 C  C4    . DC  A 1 7  ? -4.222  -2.251  2.778   1.00 24.67 ? 7   DC  A C4    1 
ATOM   136 N  N4    . DC  A 1 7  ? -3.903  -0.999  2.444   1.00 21.72 ? 7   DC  A N4    1 
ATOM   137 C  C5    . DC  A 1 7  ? -5.361  -2.882  2.197   1.00 25.09 ? 7   DC  A C5    1 
ATOM   138 C  C6    . DC  A 1 7  ? -5.641  -4.132  2.579   1.00 22.66 ? 7   DC  A C6    1 
ATOM   139 P  P     . DG  A 1 8  ? -5.208  -9.606  6.288   1.00 28.83 ? 8   DG  A P     1 
ATOM   140 O  OP1   . DG  A 1 8  ? -4.878  -10.983 5.869   1.00 32.05 ? 8   DG  A OP1   1 
ATOM   141 O  OP2   . DG  A 1 8  ? -6.286  -9.388  7.281   1.00 30.54 ? 8   DG  A OP2   1 
ATOM   142 O  "O5'" . DG  A 1 8  ? -3.872  -8.893  6.809   1.00 30.72 ? 8   DG  A "O5'" 1 
ATOM   143 C  "C5'" . DG  A 1 8  ? -2.762  -8.719  5.908   1.00 25.39 ? 8   DG  A "C5'" 1 
ATOM   144 C  "C4'" . DG  A 1 8  ? -1.520  -8.260  6.673   1.00 29.46 ? 8   DG  A "C4'" 1 
ATOM   145 O  "O4'" . DG  A 1 8  ? -0.396  -8.151  5.756   1.00 29.27 ? 8   DG  A "O4'" 1 
ATOM   146 C  "C3'" . DG  A 1 8  ? -1.638  -6.888  7.328   1.00 28.05 ? 8   DG  A "C3'" 1 
ATOM   147 O  "O3'" . DG  A 1 8  ? -2.195  -7.018  8.641   1.00 26.88 ? 8   DG  A "O3'" 1 
ATOM   148 C  "C2'" . DG  A 1 8  ? -0.176  -6.440  7.371   1.00 25.41 ? 8   DG  A "C2'" 1 
ATOM   149 C  "C1'" . DG  A 1 8  ? 0.338   -6.967  6.034   1.00 29.56 ? 8   DG  A "C1'" 1 
ATOM   150 N  N9    . DG  A 1 8  ? 0.112   -6.053  4.931   1.00 24.91 ? 8   DG  A N9    1 
ATOM   151 C  C8    . DG  A 1 8  ? -0.730  -6.256  3.883   1.00 24.42 ? 8   DG  A C8    1 
ATOM   152 N  N7    . DG  A 1 8  ? -0.744  -5.280  3.048   1.00 22.47 ? 8   DG  A N7    1 
ATOM   153 C  C5    . DG  A 1 8  ? 0.138   -4.356  3.563   1.00 18.36 ? 8   DG  A C5    1 
ATOM   154 C  C6    . DG  A 1 8  ? 0.523   -3.097  3.066   1.00 20.93 ? 8   DG  A C6    1 
ATOM   155 O  O6    . DG  A 1 8  ? 0.127   -2.536  2.050   1.00 21.06 ? 8   DG  A O6    1 
ATOM   156 N  N1    . DG  A 1 8  ? 1.466   -2.473  3.894   1.00 18.80 ? 8   DG  A N1    1 
ATOM   157 C  C2    . DG  A 1 8  ? 1.947   -3.023  5.058   1.00 22.61 ? 8   DG  A C2    1 
ATOM   158 N  N2    . DG  A 1 8  ? 2.834   -2.287  5.750   1.00 22.88 ? 8   DG  A N2    1 
ATOM   159 N  N3    . DG  A 1 8  ? 1.577   -4.210  5.527   1.00 21.59 ? 8   DG  A N3    1 
ATOM   160 C  C4    . DG  A 1 8  ? 0.682   -4.814  4.729   1.00 21.90 ? 8   DG  A C4    1 
ATOM   161 P  P     . DG  A 1 9  ? -3.212  -5.921  9.235   1.00 30.15 ? 9   DG  A P     1 
ATOM   162 O  OP1   . DG  A 1 9  ? -3.529  -6.412  10.587  1.00 31.40 ? 9   DG  A OP1   1 
ATOM   163 O  OP2   . DG  A 1 9  ? -4.308  -5.619  8.301   1.00 26.53 ? 9   DG  A OP2   1 
ATOM   164 O  "O5'" . DG  A 1 9  ? -2.332  -4.591  9.359   1.00 26.06 ? 9   DG  A "O5'" 1 
ATOM   165 C  "C5'" . DG  A 1 9  ? -1.187  -4.610  10.197  1.00 29.32 ? 9   DG  A "C5'" 1 
ATOM   166 C  "C4'" . DG  A 1 9  ? -0.384  -3.341  10.057  1.00 27.24 ? 9   DG  A "C4'" 1 
ATOM   167 O  "O4'" . DG  A 1 9  ? 0.165   -3.238  8.720   1.00 27.79 ? 9   DG  A "O4'" 1 
ATOM   168 C  "C3'" . DG  A 1 9  ? -1.163  -2.054  10.250  1.00 25.26 ? 9   DG  A "C3'" 1 
ATOM   169 O  "O3'" . DG  A 1 9  ? -1.335  -1.805  11.662  1.00 26.35 ? 9   DG  A "O3'" 1 
ATOM   170 C  "C2'" . DG  A 1 9  ? -0.214  -1.054  9.604   1.00 22.79 ? 9   DG  A "C2'" 1 
ATOM   171 C  "C1'" . DG  A 1 9  ? 0.363   -1.862  8.423   1.00 23.95 ? 9   DG  A "C1'" 1 
ATOM   172 N  N9    . DG  A 1 9  ? -0.283  -1.541  7.149   1.00 22.84 ? 9   DG  A N9    1 
ATOM   173 C  C8    . DG  A 1 9  ? -1.243  -2.263  6.489   1.00 21.22 ? 9   DG  A C8    1 
ATOM   174 N  N7    . DG  A 1 9  ? -1.632  -1.701  5.376   1.00 21.62 ? 9   DG  A N7    1 
ATOM   175 C  C5    . DG  A 1 9  ? -0.886  -0.534  5.298   1.00 21.55 ? 9   DG  A C5    1 
ATOM   176 C  C6    . DG  A 1 9  ? -0.869  0.479   4.312   1.00 21.28 ? 9   DG  A C6    1 
ATOM   177 O  O6    . DG  A 1 9  ? -1.543  0.555   3.273   1.00 22.17 ? 9   DG  A O6    1 
ATOM   178 N  N1    . DG  A 1 9  ? 0.039   1.499   4.636   1.00 20.92 ? 9   DG  A N1    1 
ATOM   179 C  C2    . DG  A 1 9  ? 0.837   1.510   5.761   1.00 22.74 ? 9   DG  A C2    1 
ATOM   180 N  N2    . DG  A 1 9  ? 1.662   2.564   5.911   1.00 21.61 ? 9   DG  A N2    1 
ATOM   181 N  N3    . DG  A 1 9  ? 0.828   0.560   6.677   1.00 20.89 ? 9   DG  A N3    1 
ATOM   182 C  C4    . DG  A 1 9  ? -0.051  -0.424  6.383   1.00 22.12 ? 9   DG  A C4    1 
ATOM   183 P  P     . DT  A 1 10 ? -2.436  -0.771  12.216  1.00 33.09 ? 10  DT  A P     1 
ATOM   184 O  OP1   . DT  A 1 10 ? -2.481  -0.983  13.673  1.00 34.85 ? 10  DT  A OP1   1 
ATOM   185 O  OP2   . DT  A 1 10 ? -3.686  -0.857  11.444  1.00 32.50 ? 10  DT  A OP2   1 
ATOM   186 O  "O5'" . DT  A 1 10 ? -1.811  0.664   11.959  1.00 29.85 ? 10  DT  A "O5'" 1 
ATOM   187 C  "C5'" . DT  A 1 10 ? -0.587  1.003   12.553  1.00 25.55 ? 10  DT  A "C5'" 1 
ATOM   188 C  "C4'" . DT  A 1 10 ? -0.140  2.378   12.100  1.00 28.18 ? 10  DT  A "C4'" 1 
ATOM   189 O  "O4'" . DT  A 1 10 ? -0.101  2.424   10.649  1.00 26.65 ? 10  DT  A "O4'" 1 
ATOM   190 C  "C3'" . DT  A 1 10 ? -1.027  3.542   12.556  1.00 31.70 ? 10  DT  A "C3'" 1 
ATOM   191 O  "O3'" . DT  A 1 10 ? -0.201  4.602   13.036  1.00 33.84 ? 10  DT  A "O3'" 1 
ATOM   192 C  "C2'" . DT  A 1 10 ? -1.796  3.943   11.284  1.00 29.47 ? 10  DT  A "C2'" 1 
ATOM   193 C  "C1'" . DT  A 1 10 ? -0.836  3.531   10.167  1.00 27.41 ? 10  DT  A "C1'" 1 
ATOM   194 N  N1    . DT  A 1 10 ? -1.520  3.094   8.889   1.00 26.68 ? 10  DT  A N1    1 
ATOM   195 C  C2    . DT  A 1 10 ? -1.329  3.823   7.741   1.00 24.27 ? 10  DT  A C2    1 
ATOM   196 O  O2    . DT  A 1 10 ? -0.673  4.844   7.705   1.00 27.65 ? 10  DT  A O2    1 
ATOM   197 N  N3    . DT  A 1 10 ? -1.977  3.340   6.637   1.00 24.13 ? 10  DT  A N3    1 
ATOM   198 C  C4    . DT  A 1 10 ? -2.756  2.202   6.551   1.00 24.25 ? 10  DT  A C4    1 
ATOM   199 O  O4    . DT  A 1 10 ? -3.291  1.852   5.499   1.00 26.12 ? 10  DT  A O4    1 
ATOM   200 C  C5    . DT  A 1 10 ? -2.903  1.464   7.784   1.00 27.13 ? 10  DT  A C5    1 
ATOM   201 C  C7    . DT  A 1 10 ? -3.727  0.215   7.819   1.00 26.56 ? 10  DT  A C7    1 
ATOM   202 C  C6    . DT  A 1 10 ? -2.285  1.940   8.886   1.00 24.83 ? 10  DT  A C6    1 
ATOM   203 P  P     . DC  A 1 11 ? -0.848  5.907   13.721  1.00 35.59 ? 11  DC  A P     1 
ATOM   204 O  OP1   . DC  A 1 11 ? 0.250   6.516   14.504  1.00 33.93 ? 11  DC  A OP1   1 
ATOM   205 O  OP2   . DC  A 1 11 ? -2.105  5.544   14.401  1.00 31.30 ? 11  DC  A OP2   1 
ATOM   206 O  "O5'" . DC  A 1 11 ? -1.174  6.857   12.482  1.00 33.36 ? 11  DC  A "O5'" 1 
ATOM   207 C  "C5'" . DC  A 1 11 ? -0.110  7.555   11.859  1.00 30.41 ? 11  DC  A "C5'" 1 
ATOM   208 C  "C4'" . DC  A 1 11 ? -0.608  8.439   10.727  1.00 35.22 ? 11  DC  A "C4'" 1 
ATOM   209 O  "O4'" . DC  A 1 11 ? -1.174  7.628   9.673   1.00 30.29 ? 11  DC  A "O4'" 1 
ATOM   210 C  "C3'" . DC  A 1 11 ? -1.676  9.469   11.103  1.00 31.38 ? 11  DC  A "C3'" 1 
ATOM   211 O  "O3'" . DC  A 1 11 ? -1.262  10.739  10.636  1.00 32.76 ? 11  DC  A "O3'" 1 
ATOM   212 C  "C2'" . DC  A 1 11 ? -2.935  8.971   10.365  1.00 29.82 ? 11  DC  A "C2'" 1 
ATOM   213 C  "C1'" . DC  A 1 11 ? -2.325  8.255   9.173   1.00 29.70 ? 11  DC  A "C1'" 1 
ATOM   214 N  N1    . DC  A 1 11 ? -3.204  7.196   8.559   1.00 28.54 ? 11  DC  A N1    1 
ATOM   215 C  C2    . DC  A 1 11 ? -3.476  7.246   7.192   1.00 26.04 ? 11  DC  A C2    1 
ATOM   216 O  O2    . DC  A 1 11 ? -3.009  8.165   6.529   1.00 25.49 ? 11  DC  A O2    1 
ATOM   217 N  N3    . DC  A 1 11 ? -4.261  6.295   6.634   1.00 26.15 ? 11  DC  A N3    1 
ATOM   218 C  C4    . DC  A 1 11 ? -4.745  5.308   7.382   1.00 25.51 ? 11  DC  A C4    1 
ATOM   219 N  N4    . DC  A 1 11 ? -5.503  4.387   6.777   1.00 22.18 ? 11  DC  A N4    1 
ATOM   220 C  C5    . DC  A 1 11 ? -4.468  5.220   8.781   1.00 27.53 ? 11  DC  A C5    1 
ATOM   221 C  C6    . DC  A 1 11 ? -3.697  6.182   9.325   1.00 27.59 ? 11  DC  A C6    1 
ATOM   222 P  P     . DC  A 1 12 ? -2.185  12.038  10.846  1.00 36.59 ? 12  DC  A P     1 
ATOM   223 O  OP1   . DC  A 1 12 ? -1.260  13.187  10.902  1.00 36.09 ? 12  DC  A OP1   1 
ATOM   224 O  OP2   . DC  A 1 12 ? -3.127  11.780  11.965  1.00 32.33 ? 12  DC  A OP2   1 
ATOM   225 O  "O5'" . DC  A 1 12 ? -3.008  12.154  9.472   1.00 35.24 ? 12  DC  A "O5'" 1 
ATOM   226 C  "C5'" . DC  A 1 12 ? -2.294  12.416  8.250   1.00 34.07 ? 12  DC  A "C5'" 1 
ATOM   227 C  "C4'" . DC  A 1 12 ? -3.233  12.815  7.122   1.00 34.76 ? 12  DC  A "C4'" 1 
ATOM   228 O  "O4'" . DC  A 1 12 ? -3.941  11.647  6.616   1.00 33.00 ? 12  DC  A "O4'" 1 
ATOM   229 C  "C3'" . DC  A 1 12 ? -4.315  13.826  7.492   1.00 32.93 ? 12  DC  A "C3'" 1 
ATOM   230 O  "O3'" . DC  A 1 12 ? -4.512  14.700  6.396   1.00 36.52 ? 12  DC  A "O3'" 1 
ATOM   231 C  "C2'" . DC  A 1 12 ? -5.545  12.937  7.712   1.00 32.71 ? 12  DC  A "C2'" 1 
ATOM   232 C  "C1'" . DC  A 1 12 ? -5.332  11.912  6.610   1.00 31.28 ? 12  DC  A "C1'" 1 
ATOM   233 N  N1    . DC  A 1 12 ? -6.027  10.615  6.804   1.00 26.41 ? 12  DC  A N1    1 
ATOM   234 C  C2    . DC  A 1 12 ? -6.872  10.132  5.799   1.00 25.56 ? 12  DC  A C2    1 
ATOM   235 O  O2    . DC  A 1 12 ? -7.076  10.826  4.791   1.00 25.48 ? 12  DC  A O2    1 
ATOM   236 N  N3    . DC  A 1 12 ? -7.457  8.922   5.963   1.00 24.34 ? 12  DC  A N3    1 
ATOM   237 C  C4    . DC  A 1 12 ? -7.213  8.206   7.064   1.00 24.16 ? 12  DC  A C4    1 
ATOM   238 N  N4    . DC  A 1 12 ? -7.803  7.015   7.176   1.00 25.21 ? 12  DC  A N4    1 
ATOM   239 C  C5    . DC  A 1 12 ? -6.341  8.676   8.090   1.00 28.31 ? 12  DC  A C5    1 
ATOM   240 C  C6    . DC  A 1 12 ? -5.760  9.870   7.910   1.00 27.36 ? 12  DC  A C6    1 
HETATM 241 AU AU    . AU  B 2 .  ? -1.721  -5.037  1.602   0.56 24.96 ? 101 AU  A AU    1 
HETATM 242 O  O     . HOH C 3 .  ? -5.333  -2.318  10.418  1.00 36.90 ? 201 HOH A O     1 
HETATM 243 O  O     . HOH C 3 .  ? 15.608  -1.566  -5.173  1.00 30.35 ? 202 HOH A O     1 
HETATM 244 O  O     . HOH C 3 .  ? -0.724  3.313   -5.986  1.00 36.85 ? 203 HOH A O     1 
HETATM 245 O  O     . HOH C 3 .  ? -8.983  -2.311  0.549   1.00 32.49 ? 204 HOH A O     1 
HETATM 246 O  O     . HOH C 3 .  ? 2.984   -4.857  7.626   1.00 28.79 ? 205 HOH A O     1 
HETATM 247 O  O     . HOH C 3 .  ? 1.500   -1.903  -12.374 1.00 30.39 ? 206 HOH A O     1 
HETATM 248 O  O     . HOH C 3 .  ? -6.685  -6.763  8.669   1.00 33.14 ? 207 HOH A O     1 
HETATM 249 O  O     . HOH C 3 .  ? -4.524  -3.121  7.391   1.00 31.80 ? 208 HOH A O     1 
HETATM 250 O  O     . HOH C 3 .  ? 1.237   6.707   7.857   1.00 32.82 ? 209 HOH A O     1 
HETATM 251 O  O     . HOH C 3 .  ? -5.667  11.842  11.075  1.00 34.79 ? 210 HOH A O     1 
HETATM 252 O  O     . HOH C 3 .  ? -2.558  -8.374  2.253   1.00 26.19 ? 211 HOH A O     1 
HETATM 253 O  O     . HOH C 3 .  ? 7.031   1.046   -13.101 1.00 27.98 ? 212 HOH A O     1 
HETATM 254 O  O     . HOH C 3 .  ? -10.290 -1.213  -6.757  1.00 36.40 ? 213 HOH A O     1 
HETATM 255 O  O     . HOH C 3 .  ? -12.616 -3.879  1.067   1.00 36.46 ? 214 HOH A O     1 
HETATM 256 O  O     . HOH C 3 .  ? -5.038  0.384   0.304   1.00 30.41 ? 215 HOH A O     1 
HETATM 257 O  O     . HOH C 3 .  ? -1.987  -4.971  -9.859  1.00 28.67 ? 216 HOH A O     1 
HETATM 258 O  O     . HOH C 3 .  ? 11.391  5.062   -2.391  1.00 33.74 ? 217 HOH A O     1 
HETATM 259 O  O     . HOH C 3 .  ? 11.343  0.184   -2.878  1.00 36.92 ? 218 HOH A O     1 
HETATM 260 O  O     . HOH C 3 .  ? 9.672   -2.633  -5.673  1.00 34.63 ? 219 HOH A O     1 
HETATM 261 O  O     . HOH C 3 .  ? -7.842  13.509  3.884   1.00 36.15 ? 220 HOH A O     1 
HETATM 262 O  O     . HOH C 3 .  ? 13.689  -1.480  -2.394  1.00 29.99 ? 221 HOH A O     1 
HETATM 263 O  O     . HOH C 3 .  ? -6.995  -1.130  -0.806  1.00 27.37 ? 222 HOH A O     1 
HETATM 264 O  O     . HOH C 3 .  ? -2.606  0.146   -1.493  1.00 30.07 ? 223 HOH A O     1 
HETATM 265 O  O     . HOH C 3 .  ? 7.849   1.296   -4.082  1.00 36.37 ? 224 HOH A O     1 
HETATM 266 O  O     . HOH C 3 .  ? 7.806   5.670   -5.122  1.00 36.00 ? 225 HOH A O     1 
HETATM 267 O  O     . HOH C 3 .  ? 6.604   -0.578  -5.159  1.00 31.52 ? 226 HOH A O     1 
HETATM 268 O  O     . HOH C 3 .  ? -8.410  -3.277  4.449   1.00 39.88 ? 227 HOH A O     1 
HETATM 269 O  O     . HOH C 3 .  ? 3.612   1.173   -4.368  1.00 28.27 ? 228 HOH A O     1 
HETATM 270 O  O     . HOH C 3 .  ? 0.685   0.632   -2.048  0.50 32.60 ? 229 HOH A O     1 
HETATM 271 O  O     . HOH C 3 .  ? 9.469   3.745   -13.007 1.00 38.05 ? 230 HOH A O     1 
HETATM 272 O  O     . HOH C 3 .  ? -6.090  -2.288  5.843   1.00 28.11 ? 231 HOH A O     1 
HETATM 273 O  O     . HOH C 3 .  ? 2.183   2.066   -14.214 1.00 40.15 ? 232 HOH A O     1 
HETATM 274 O  O     . HOH C 3 .  ? 16.058  -0.474  -1.791  1.00 38.93 ? 233 HOH A O     1 
HETATM 275 O  O     . HOH C 3 .  ? 16.069  2.270   -2.288  1.00 36.65 ? 234 HOH A O     1 
HETATM 276 O  O     . HOH C 3 .  ? -11.337 -2.253  -0.833  1.00 38.13 ? 235 HOH A O     1 
HETATM 277 O  O     . HOH C 3 .  ? -2.250  -11.122 10.008  1.00 49.79 ? 236 HOH A O     1 
HETATM 278 O  O     . HOH C 3 .  ? -9.225  -0.747  3.219   1.00 43.59 ? 237 HOH A O     1 
# 
